data_1NSX
#
_entry.id   1NSX
#
_cell.length_a   44.900
_cell.length_b   76.400
_cell.length_c   211.400
_cell.angle_alpha   90.00
_cell.angle_beta   90.00
_cell.angle_gamma   90.00
#
_symmetry.space_group_name_H-M   'P 21 21 21'
#
loop_
_entity.id
_entity.type
_entity.pdbx_description
1 polymer 'GALACTOSE MUTAROTASE'
2 non-polymer beta-D-galactopyranose
3 non-polymer 'SODIUM ION'
4 water water
#
_entity_poly.entity_id   1
_entity_poly.type   'polypeptide(L)'
_entity_poly.pdbx_seq_one_letter_code
;MSIKIRDFGLGSDLISLTNKAGVTISFTNLGARIVDWQKDGKHLILGFDSAKEYLEKDAYPGATVGPTAGRIKDGLVKIS
GKDYILNQNEGPQTLHGGEESIHTKLWTYEVTDLGAEVQVKFSLVSNDGTNGYPGKIEMSVTHSFDDDNKWKIHYEAISD
KDTVFNPTGNVYFNLNGDASESVENHGLRLAASRFVPLKDQTEIVRGDIVDIKNTDLDFRQEKQLSNAFNSNMEQVQLVK
GIDHPFLLDQLGLDKEQARLTLDDTSISVFTDQPSIVIFTANFGDLGTLYHEKKQVHHGGITFECQVSPGSEQIPELGDI
SLKAGEKYQATTIYSLHTKLEHHHHHH
;
_entity_poly.pdbx_strand_id   A,B
#
loop_
_chem_comp.id
_chem_comp.type
_chem_comp.name
_chem_comp.formula
GAL D-saccharide, beta linking beta-D-galactopyranose 'C6 H12 O6'
NA non-polymer 'SODIUM ION' 'Na 1'
#
# COMPACT_ATOMS: atom_id res chain seq x y z
N SER A 2 25.86 1.00 13.27
CA SER A 2 25.83 1.16 11.82
C SER A 2 24.45 0.82 11.24
N ILE A 3 24.13 1.39 10.08
CA ILE A 3 22.87 1.14 9.41
C ILE A 3 23.11 0.59 8.02
N LYS A 4 22.36 -0.43 7.63
CA LYS A 4 22.57 -0.86 6.26
C LYS A 4 21.21 -1.13 5.66
N ILE A 5 20.97 -0.61 4.45
CA ILE A 5 19.70 -0.86 3.75
C ILE A 5 19.90 -1.68 2.50
N ARG A 6 19.13 -2.74 2.36
CA ARG A 6 19.26 -3.54 1.19
C ARG A 6 17.89 -4.05 0.67
N ASP A 7 17.90 -4.53 -0.58
CA ASP A 7 16.71 -5.03 -1.21
C ASP A 7 16.34 -6.37 -0.56
N PHE A 8 15.08 -6.51 -0.13
CA PHE A 8 14.68 -7.73 0.54
C PHE A 8 13.78 -8.59 -0.34
N GLY A 9 13.50 -8.10 -1.53
CA GLY A 9 12.63 -8.83 -2.44
C GLY A 9 11.27 -8.16 -2.72
N LEU A 10 10.80 -8.29 -3.95
CA LEU A 10 9.48 -7.72 -4.32
C LEU A 10 9.39 -6.22 -4.14
N GLY A 11 10.55 -5.56 -4.05
CA GLY A 11 10.54 -4.13 -3.88
C GLY A 11 10.62 -3.76 -2.44
N SER A 12 10.59 -4.73 -1.52
CA SER A 12 10.67 -4.34 -0.10
C SER A 12 12.13 -4.15 0.29
N ASP A 13 12.32 -3.40 1.36
CA ASP A 13 13.66 -3.16 1.84
C ASP A 13 13.90 -3.85 3.18
N LEU A 14 15.15 -4.14 3.46
CA LEU A 14 15.59 -4.71 4.71
C LEU A 14 16.51 -3.65 5.31
N ILE A 15 16.16 -3.16 6.49
CA ILE A 15 16.93 -2.14 7.18
C ILE A 15 17.63 -2.81 8.40
N SER A 16 18.96 -2.91 8.44
CA SER A 16 19.63 -3.55 9.56
C SER A 16 20.41 -2.57 10.40
N LEU A 17 20.17 -2.67 11.70
CA LEU A 17 20.83 -1.82 12.67
C LEU A 17 21.75 -2.59 13.61
N THR A 18 23.00 -2.13 13.68
CA THR A 18 24.03 -2.68 14.56
C THR A 18 24.44 -1.60 15.54
N ASN A 19 24.30 -1.87 16.84
CA ASN A 19 24.56 -0.90 17.88
C ASN A 19 25.99 -1.07 18.33
N LYS A 20 26.37 -0.27 19.31
CA LYS A 20 27.71 -0.30 19.86
C LYS A 20 28.11 -1.68 20.38
N ALA A 21 27.16 -2.45 20.88
CA ALA A 21 27.48 -3.76 21.42
C ALA A 21 27.69 -4.83 20.35
N GLY A 22 27.40 -4.48 19.11
CA GLY A 22 27.60 -5.49 18.12
C GLY A 22 26.34 -6.30 17.90
N VAL A 23 25.24 -5.86 18.52
CA VAL A 23 24.00 -6.62 18.35
C VAL A 23 23.30 -6.11 17.09
N THR A 24 22.77 -7.04 16.32
CA THR A 24 22.09 -6.66 15.09
C THR A 24 20.58 -6.99 15.07
N ILE A 25 19.79 -5.99 14.65
CA ILE A 25 18.35 -6.15 14.54
C ILE A 25 17.96 -5.67 13.15
N SER A 26 17.05 -6.38 12.53
CA SER A 26 16.68 -5.93 11.19
C SER A 26 15.16 -5.90 10.93
N PHE A 27 14.71 -4.93 10.12
CA PHE A 27 13.29 -4.77 9.84
C PHE A 27 13.04 -4.67 8.38
N THR A 28 11.78 -4.89 8.05
CA THR A 28 11.38 -4.74 6.66
C THR A 28 10.11 -3.88 6.56
N ASN A 29 9.97 -3.10 5.47
CA ASN A 29 8.78 -2.25 5.36
C ASN A 29 7.60 -3.08 4.91
N LEU A 30 7.85 -4.35 4.55
CA LEU A 30 6.73 -5.21 4.25
C LEU A 30 6.05 -5.57 5.60
N GLY A 31 4.98 -4.85 5.96
CA GLY A 31 4.34 -5.19 7.22
C GLY A 31 4.99 -4.54 8.45
N ALA A 32 5.86 -3.53 8.27
CA ALA A 32 6.55 -2.82 9.41
C ALA A 32 6.93 -3.87 10.45
N ARG A 33 7.75 -4.77 9.94
CA ARG A 33 8.08 -5.98 10.66
C ARG A 33 9.52 -6.22 11.04
N ILE A 34 9.66 -6.93 12.16
CA ILE A 34 11.01 -7.32 12.60
C ILE A 34 11.37 -8.62 11.89
N VAL A 35 12.56 -8.65 11.26
CA VAL A 35 12.97 -9.85 10.55
C VAL A 35 13.96 -10.74 11.31
N ASP A 36 14.91 -10.10 11.98
CA ASP A 36 15.90 -10.85 12.71
C ASP A 36 16.43 -10.04 13.86
N TRP A 37 17.03 -10.77 14.78
CA TRP A 37 17.61 -10.13 15.93
C TRP A 37 18.66 -11.13 16.34
N GLN A 38 19.93 -10.73 16.21
CA GLN A 38 20.99 -11.68 16.59
C GLN A 38 22.17 -11.15 17.39
N LYS A 39 22.71 -12.09 18.16
CA LYS A 39 23.84 -11.81 19.01
C LYS A 39 24.84 -12.92 18.85
N ASP A 40 26.12 -12.55 18.73
CA ASP A 40 27.17 -13.53 18.59
C ASP A 40 26.76 -14.57 17.61
N GLY A 41 26.13 -14.11 16.55
CA GLY A 41 25.71 -14.98 15.46
C GLY A 41 24.53 -15.90 15.71
N LYS A 42 23.76 -15.68 16.76
CA LYS A 42 22.66 -16.55 16.98
C LYS A 42 21.37 -15.78 16.80
N HIS A 43 20.37 -16.37 16.20
CA HIS A 43 19.13 -15.61 16.11
C HIS A 43 18.34 -15.79 17.37
N LEU A 44 17.71 -14.73 17.82
CA LEU A 44 16.91 -14.84 19.03
C LEU A 44 15.43 -14.96 18.72
N ILE A 45 15.05 -14.59 17.49
CA ILE A 45 13.67 -14.61 17.03
C ILE A 45 13.57 -15.41 15.75
N LEU A 46 12.32 -15.68 15.32
CA LEU A 46 12.09 -16.44 14.09
C LEU A 46 11.90 -15.49 12.90
N GLY A 47 12.37 -15.91 11.74
CA GLY A 47 12.20 -15.03 10.63
C GLY A 47 12.74 -15.70 9.42
N PHE A 48 12.39 -15.11 8.28
CA PHE A 48 12.76 -15.59 6.96
C PHE A 48 13.88 -14.81 6.28
N ASP A 49 14.28 -15.32 5.12
CA ASP A 49 15.38 -14.71 4.42
C ASP A 49 15.00 -13.82 3.27
N SER A 50 13.70 -13.72 2.98
CA SER A 50 13.28 -12.84 1.91
C SER A 50 11.83 -12.55 2.04
N ALA A 51 11.45 -11.49 1.32
CA ALA A 51 10.04 -11.10 1.33
C ALA A 51 9.10 -12.19 0.82
N LYS A 52 9.51 -12.87 -0.25
CA LYS A 52 8.65 -13.92 -0.81
C LYS A 52 8.30 -14.97 0.22
N GLU A 53 9.24 -15.29 1.08
CA GLU A 53 8.97 -16.32 2.06
C GLU A 53 7.85 -15.98 2.99
N TYR A 54 7.83 -14.72 3.40
CA TYR A 54 6.77 -14.37 4.28
C TYR A 54 5.43 -14.49 3.57
N LEU A 55 5.41 -14.10 2.33
CA LEU A 55 4.18 -14.17 1.56
C LEU A 55 3.75 -15.58 1.21
N GLU A 56 4.70 -16.45 1.09
CA GLU A 56 4.34 -17.80 0.75
C GLU A 56 4.15 -18.73 1.95
N LYS A 57 4.96 -18.48 2.97
CA LYS A 57 4.89 -19.35 4.11
C LYS A 57 3.98 -18.91 5.20
N ASP A 58 4.26 -17.75 5.71
CA ASP A 58 3.43 -17.30 6.80
C ASP A 58 3.74 -15.83 6.94
N ALA A 59 2.72 -15.01 6.69
CA ALA A 59 2.92 -13.58 6.70
C ALA A 59 2.85 -12.90 8.03
N TYR A 60 2.61 -13.69 9.06
CA TYR A 60 2.46 -13.03 10.34
C TYR A 60 3.69 -12.81 11.19
N PRO A 61 4.62 -13.74 11.18
CA PRO A 61 5.78 -13.58 12.06
C PRO A 61 6.50 -12.24 12.01
N GLY A 62 6.64 -11.58 13.15
CA GLY A 62 7.36 -10.31 13.25
C GLY A 62 6.59 -9.09 12.79
N ALA A 63 5.40 -9.29 12.24
CA ALA A 63 4.70 -8.14 11.72
C ALA A 63 3.88 -7.35 12.67
N THR A 64 3.51 -6.16 12.17
CA THR A 64 2.57 -5.25 12.81
C THR A 64 1.24 -5.78 12.30
N VAL A 65 0.33 -6.18 13.20
CA VAL A 65 -0.99 -6.72 12.84
C VAL A 65 -2.05 -5.76 13.34
N GLY A 66 -3.09 -5.59 12.52
CA GLY A 66 -4.13 -4.65 12.90
C GLY A 66 -5.02 -4.51 11.70
N PRO A 67 -5.91 -3.53 11.75
CA PRO A 67 -6.04 -2.57 12.86
C PRO A 67 -6.40 -3.12 14.22
N THR A 68 -7.08 -4.28 14.24
CA THR A 68 -7.39 -4.88 15.51
C THR A 68 -6.66 -6.19 15.56
N ALA A 69 -5.89 -6.45 16.59
CA ALA A 69 -5.16 -7.71 16.69
C ALA A 69 -6.03 -8.79 17.36
N GLY A 70 -5.92 -10.02 16.89
CA GLY A 70 -6.72 -11.07 17.47
C GLY A 70 -7.98 -11.38 16.71
N ARG A 71 -8.84 -12.22 17.33
CA ARG A 71 -10.11 -12.61 16.75
C ARG A 71 -11.29 -11.86 17.27
N ILE A 72 -12.11 -11.45 16.28
CA ILE A 72 -13.37 -10.79 16.56
C ILE A 72 -14.52 -11.70 16.13
N LYS A 73 -15.31 -12.18 17.12
CA LYS A 73 -16.42 -13.09 16.88
C LYS A 73 -17.37 -12.59 15.77
N ASP A 74 -17.62 -13.44 14.77
CA ASP A 74 -18.50 -13.07 13.67
C ASP A 74 -18.10 -11.84 12.90
N GLY A 75 -16.89 -11.34 13.12
CA GLY A 75 -16.46 -10.11 12.45
C GLY A 75 -17.29 -8.91 12.90
N LEU A 76 -18.03 -9.02 13.99
CA LEU A 76 -18.87 -7.91 14.40
C LEU A 76 -18.40 -6.94 15.48
N VAL A 77 -18.46 -5.62 15.23
CA VAL A 77 -18.14 -4.61 16.24
C VAL A 77 -19.25 -3.55 16.25
N LYS A 78 -19.46 -2.87 17.38
CA LYS A 78 -20.50 -1.85 17.38
C LYS A 78 -19.73 -0.56 17.51
N ILE A 79 -20.05 0.41 16.66
CA ILE A 79 -19.36 1.68 16.63
C ILE A 79 -20.44 2.74 16.75
N SER A 80 -20.34 3.58 17.80
CA SER A 80 -21.36 4.62 18.01
C SER A 80 -22.77 4.00 17.98
N GLY A 81 -22.96 2.85 18.66
CA GLY A 81 -24.22 2.15 18.69
C GLY A 81 -24.52 1.43 17.37
N LYS A 82 -23.67 1.49 16.35
CA LYS A 82 -24.05 0.78 15.14
C LYS A 82 -23.20 -0.45 14.90
N ASP A 83 -23.81 -1.48 14.30
CA ASP A 83 -23.12 -2.72 13.98
C ASP A 83 -22.39 -2.61 12.66
N TYR A 84 -21.14 -3.04 12.67
CA TYR A 84 -20.32 -3.03 11.48
C TYR A 84 -19.74 -4.44 11.37
N ILE A 85 -19.78 -5.03 10.17
CA ILE A 85 -19.21 -6.34 9.90
C ILE A 85 -17.87 -6.15 9.15
N LEU A 86 -16.79 -6.63 9.73
CA LEU A 86 -15.49 -6.51 9.15
C LEU A 86 -15.23 -7.71 8.28
N ASN A 87 -14.15 -7.62 7.52
CA ASN A 87 -13.78 -8.74 6.65
C ASN A 87 -13.61 -10.01 7.48
N GLN A 88 -14.19 -11.11 7.01
CA GLN A 88 -14.07 -12.36 7.77
C GLN A 88 -13.05 -13.25 7.10
N ASN A 89 -11.98 -13.62 7.77
CA ASN A 89 -10.97 -14.42 7.09
C ASN A 89 -10.63 -15.69 7.84
N GLU A 90 -11.36 -16.04 8.88
CA GLU A 90 -11.04 -17.29 9.57
C GLU A 90 -12.41 -17.80 9.92
N GLY A 91 -13.08 -18.44 8.97
CA GLY A 91 -14.43 -18.81 9.27
C GLY A 91 -15.18 -17.46 9.38
N PRO A 92 -16.16 -17.31 10.30
CA PRO A 92 -16.89 -16.05 10.45
C PRO A 92 -16.14 -15.03 11.30
N GLN A 93 -14.93 -15.35 11.76
CA GLN A 93 -14.24 -14.38 12.58
C GLN A 93 -13.36 -13.51 11.69
N THR A 94 -13.05 -12.34 12.24
CA THR A 94 -12.08 -11.41 11.67
C THR A 94 -10.81 -11.64 12.52
N LEU A 95 -9.77 -12.21 11.95
CA LEU A 95 -8.54 -12.46 12.68
C LEU A 95 -7.48 -11.49 12.19
N HIS A 96 -6.82 -10.82 13.10
CA HIS A 96 -5.77 -9.89 12.68
C HIS A 96 -6.12 -8.87 11.58
N GLY A 97 -7.31 -8.29 11.66
CA GLY A 97 -7.70 -7.26 10.71
C GLY A 97 -8.30 -7.76 9.41
N GLY A 98 -8.48 -9.06 9.23
CA GLY A 98 -9.09 -9.48 7.94
C GLY A 98 -8.01 -9.86 6.89
N GLU A 99 -8.44 -10.35 5.72
CA GLU A 99 -7.49 -10.80 4.69
C GLU A 99 -6.66 -9.67 4.11
N GLU A 100 -5.47 -9.97 3.64
CA GLU A 100 -4.65 -8.93 2.98
C GLU A 100 -4.57 -7.65 3.76
N SER A 101 -4.38 -7.79 5.06
CA SER A 101 -4.33 -6.63 5.93
C SER A 101 -3.01 -5.89 5.96
N ILE A 102 -2.84 -5.00 6.93
CA ILE A 102 -1.64 -4.19 6.96
C ILE A 102 -0.33 -4.95 7.07
N HIS A 103 -0.36 -6.20 7.51
CA HIS A 103 0.92 -6.90 7.56
C HIS A 103 1.43 -7.31 6.17
N THR A 104 0.61 -7.18 5.12
CA THR A 104 1.02 -7.58 3.78
C THR A 104 1.25 -6.38 2.86
N LYS A 105 1.21 -5.18 3.41
CA LYS A 105 1.40 -3.98 2.62
C LYS A 105 2.83 -3.45 2.83
N LEU A 106 3.32 -2.69 1.81
CA LEU A 106 4.65 -2.11 1.90
C LEU A 106 4.42 -0.74 2.48
N TRP A 107 4.96 -0.49 3.63
CA TRP A 107 4.74 0.78 4.26
C TRP A 107 5.85 1.72 3.82
N THR A 108 5.63 3.05 3.88
CA THR A 108 6.75 3.93 3.57
C THR A 108 7.55 4.08 4.88
N TYR A 109 8.81 4.52 4.81
CA TYR A 109 9.55 4.71 6.04
C TYR A 109 10.69 5.69 5.91
N GLU A 110 11.12 6.12 7.09
CA GLU A 110 12.22 7.04 7.18
C GLU A 110 13.04 6.64 8.36
N VAL A 111 14.34 6.72 8.17
CA VAL A 111 15.33 6.36 9.20
C VAL A 111 15.87 7.60 9.90
N THR A 112 15.98 7.53 11.20
CA THR A 112 16.52 8.63 11.97
C THR A 112 17.58 8.11 12.93
N ASP A 113 18.82 8.51 12.67
CA ASP A 113 19.96 8.12 13.46
C ASP A 113 20.25 9.13 14.54
N LEU A 114 20.04 8.71 15.77
CA LEU A 114 20.28 9.59 16.90
C LEU A 114 21.57 9.24 17.61
N GLY A 115 22.37 8.38 17.03
CA GLY A 115 23.59 8.02 17.68
C GLY A 115 23.45 6.80 18.57
N ALA A 116 23.11 7.02 19.85
CA ALA A 116 22.96 5.86 20.71
C ALA A 116 21.70 5.08 20.37
N GLU A 117 20.83 5.78 19.69
CA GLU A 117 19.59 5.19 19.23
C GLU A 117 19.28 5.53 17.77
N VAL A 118 18.69 4.54 17.09
CA VAL A 118 18.28 4.76 15.70
C VAL A 118 16.82 4.41 15.55
N GLN A 119 16.05 5.27 14.89
CA GLN A 119 14.65 4.98 14.75
C GLN A 119 14.30 4.74 13.30
N VAL A 120 13.33 3.87 13.09
CA VAL A 120 12.81 3.58 11.75
C VAL A 120 11.32 3.83 11.87
N LYS A 121 10.79 4.87 11.25
CA LYS A 121 9.38 5.16 11.33
C LYS A 121 8.65 4.74 10.05
N PHE A 122 7.76 3.74 10.20
CA PHE A 122 6.97 3.25 9.10
C PHE A 122 5.62 3.91 9.11
N SER A 123 5.05 4.27 7.93
CA SER A 123 3.72 4.89 7.87
C SER A 123 2.90 4.23 6.81
N LEU A 124 1.59 4.22 7.08
CA LEU A 124 0.60 3.65 6.20
C LEU A 124 -0.73 4.27 6.48
N VAL A 125 -1.47 4.44 5.39
CA VAL A 125 -2.86 4.94 5.48
C VAL A 125 -3.83 3.82 5.14
N SER A 126 -4.73 3.54 6.08
CA SER A 126 -5.83 2.60 5.93
C SER A 126 -6.99 3.50 5.47
N ASN A 127 -7.41 3.30 4.20
CA ASN A 127 -8.49 4.11 3.64
C ASN A 127 -9.79 3.85 4.36
N ASP A 128 -10.66 4.86 4.37
CA ASP A 128 -11.94 4.60 4.98
C ASP A 128 -12.63 3.41 4.27
N GLY A 129 -13.19 2.49 5.06
CA GLY A 129 -13.93 1.35 4.54
C GLY A 129 -13.07 0.13 4.29
N THR A 130 -11.75 0.26 4.35
CA THR A 130 -10.85 -0.90 4.11
C THR A 130 -11.17 -2.08 5.01
N ASN A 131 -11.60 -3.21 4.41
CA ASN A 131 -11.96 -4.41 5.18
C ASN A 131 -13.09 -4.16 6.20
N GLY A 132 -13.91 -3.15 5.93
CA GLY A 132 -15.04 -2.85 6.75
C GLY A 132 -14.74 -1.81 7.80
N TYR A 133 -13.48 -1.42 7.98
CA TYR A 133 -13.21 -0.45 9.03
C TYR A 133 -13.38 0.99 8.66
N PRO A 134 -14.09 1.80 9.47
CA PRO A 134 -14.23 3.23 9.19
C PRO A 134 -12.89 3.90 9.28
N GLY A 135 -12.63 4.96 8.47
CA GLY A 135 -11.32 5.66 8.43
C GLY A 135 -11.49 7.01 7.80
N LYS A 136 -10.47 7.54 7.14
CA LYS A 136 -9.19 6.89 7.00
C LYS A 136 -8.44 6.94 8.32
N ILE A 137 -7.50 5.99 8.48
CA ILE A 137 -6.70 5.98 9.69
C ILE A 137 -5.27 6.18 9.26
N GLU A 138 -4.63 7.22 9.75
CA GLU A 138 -3.23 7.37 9.38
C GLU A 138 -2.43 6.68 10.46
N MET A 139 -1.66 5.66 10.14
CA MET A 139 -0.91 4.95 11.18
C MET A 139 0.62 5.06 11.04
N SER A 140 1.35 4.95 12.15
CA SER A 140 2.77 4.93 12.10
C SER A 140 3.23 3.99 13.18
N VAL A 141 4.29 3.28 12.86
CA VAL A 141 4.88 2.38 13.83
C VAL A 141 6.35 2.70 13.80
N THR A 142 6.94 3.03 14.94
CA THR A 142 8.36 3.33 14.94
C THR A 142 9.07 2.21 15.70
N HIS A 143 9.98 1.53 15.06
CA HIS A 143 10.75 0.52 15.73
C HIS A 143 12.08 1.22 15.98
N SER A 144 12.63 1.09 17.19
CA SER A 144 13.91 1.73 17.45
C SER A 144 14.80 0.75 18.16
N PHE A 145 16.13 0.93 18.06
CA PHE A 145 17.09 0.04 18.71
C PHE A 145 18.20 0.90 19.27
N ASP A 146 18.65 0.58 20.48
CA ASP A 146 19.67 1.42 21.08
C ASP A 146 20.86 0.67 21.58
N ASP A 147 21.78 1.47 22.08
CA ASP A 147 22.98 0.84 22.55
C ASP A 147 22.80 0.04 23.81
N ASP A 148 21.64 0.16 24.45
CA ASP A 148 21.45 -0.62 25.67
C ASP A 148 20.69 -1.89 25.34
N ASN A 149 20.65 -2.24 24.06
CA ASN A 149 19.96 -3.45 23.64
C ASN A 149 18.47 -3.43 23.83
N LYS A 150 17.90 -2.20 23.82
CA LYS A 150 16.46 -2.09 23.96
C LYS A 150 15.80 -1.92 22.61
N TRP A 151 14.88 -2.83 22.26
CA TRP A 151 14.13 -2.65 21.03
C TRP A 151 12.72 -2.17 21.43
N LYS A 152 12.38 -0.98 21.00
CA LYS A 152 11.11 -0.39 21.34
C LYS A 152 10.21 -0.17 20.11
N ILE A 153 8.89 -0.35 20.29
CA ILE A 153 7.87 -0.17 19.24
C ILE A 153 6.87 0.86 19.78
N HIS A 154 6.71 1.94 19.03
CA HIS A 154 5.79 2.93 19.47
C HIS A 154 4.82 3.14 18.33
N TYR A 155 3.54 3.00 18.65
CA TYR A 155 2.49 3.17 17.66
C TYR A 155 1.74 4.47 17.83
N GLU A 156 1.31 5.03 16.72
CA GLU A 156 0.48 6.21 16.79
C GLU A 156 -0.54 6.11 15.67
N ALA A 157 -1.77 6.62 15.88
CA ALA A 157 -2.80 6.64 14.85
C ALA A 157 -3.81 7.76 15.07
N ILE A 158 -4.41 8.22 13.95
CA ILE A 158 -5.45 9.22 13.93
C ILE A 158 -6.42 8.81 12.86
N SER A 159 -7.69 8.86 13.23
CA SER A 159 -8.77 8.48 12.33
C SER A 159 -9.69 9.64 12.03
N ASP A 160 -10.23 9.66 10.81
CA ASP A 160 -11.12 10.73 10.45
C ASP A 160 -12.53 10.42 10.97
N LYS A 161 -12.78 9.20 11.41
CA LYS A 161 -14.09 8.84 11.88
C LYS A 161 -13.95 7.89 13.02
N ASP A 162 -15.01 7.77 13.81
CA ASP A 162 -14.97 6.85 14.94
C ASP A 162 -14.75 5.47 14.39
N THR A 163 -13.84 4.78 15.04
CA THR A 163 -13.49 3.46 14.57
C THR A 163 -12.96 2.60 15.72
N VAL A 164 -12.24 1.51 15.41
CA VAL A 164 -11.68 0.63 16.43
C VAL A 164 -10.22 0.49 16.15
N PHE A 165 -9.38 0.38 17.17
CA PHE A 165 -7.97 0.26 16.86
C PHE A 165 -7.19 -0.37 18.01
N ASN A 166 -6.47 -1.48 17.73
CA ASN A 166 -5.74 -2.20 18.77
C ASN A 166 -4.75 -3.14 18.15
N PRO A 167 -3.74 -2.57 17.55
CA PRO A 167 -2.75 -3.36 16.86
C PRO A 167 -1.77 -4.01 17.86
N THR A 168 -0.89 -4.86 17.30
CA THR A 168 0.15 -5.52 18.11
C THR A 168 1.32 -5.90 17.22
N GLY A 169 2.41 -6.30 17.87
CA GLY A 169 3.59 -6.73 17.16
C GLY A 169 3.64 -8.25 17.36
N ASN A 170 3.85 -8.95 16.27
CA ASN A 170 3.85 -10.40 16.30
C ASN A 170 5.20 -11.16 16.23
N VAL A 171 6.24 -10.68 16.93
CA VAL A 171 7.50 -11.39 16.94
C VAL A 171 7.32 -12.70 17.69
N TYR A 172 8.05 -13.72 17.24
CA TYR A 172 8.11 -15.01 17.90
C TYR A 172 9.55 -15.15 18.40
N PHE A 173 9.74 -15.42 19.66
CA PHE A 173 11.07 -15.62 20.15
C PHE A 173 11.43 -17.08 20.19
N ASN A 174 12.72 -17.40 20.12
CA ASN A 174 13.26 -18.76 20.24
C ASN A 174 14.74 -18.64 20.49
N LEU A 175 15.08 -18.58 21.77
CA LEU A 175 16.43 -18.39 22.19
C LEU A 175 17.33 -19.55 21.84
N ASN A 176 16.74 -20.64 21.33
CA ASN A 176 17.54 -21.79 20.92
C ASN A 176 18.24 -21.40 19.64
N GLY A 177 17.69 -20.37 18.99
CA GLY A 177 18.27 -19.90 17.74
C GLY A 177 18.00 -20.86 16.59
N ASP A 178 17.06 -21.77 16.73
CA ASP A 178 16.78 -22.77 15.70
C ASP A 178 15.33 -23.21 15.91
N ALA A 179 14.51 -23.11 14.85
CA ALA A 179 13.07 -23.45 14.88
C ALA A 179 12.73 -24.92 15.12
N SER A 180 13.70 -25.79 14.92
CA SER A 180 13.49 -27.18 15.08
C SER A 180 13.56 -27.59 16.52
N GLU A 181 13.81 -26.60 17.40
CA GLU A 181 13.90 -26.83 18.84
C GLU A 181 12.85 -26.13 19.67
N SER A 182 12.13 -26.95 20.41
CA SER A 182 11.11 -26.43 21.25
C SER A 182 11.54 -25.40 22.30
N VAL A 183 10.63 -24.50 22.64
CA VAL A 183 10.93 -23.50 23.64
C VAL A 183 10.60 -24.03 25.01
N GLU A 184 10.19 -25.27 25.08
CA GLU A 184 9.89 -25.88 26.40
C GLU A 184 11.01 -25.78 27.41
N ASN A 185 12.22 -25.59 26.94
CA ASN A 185 13.33 -25.46 27.86
C ASN A 185 13.52 -24.03 28.34
N HIS A 186 12.74 -23.07 27.85
CA HIS A 186 12.95 -21.70 28.34
C HIS A 186 12.14 -21.50 29.60
N GLY A 187 12.57 -20.54 30.38
CA GLY A 187 11.89 -20.22 31.61
C GLY A 187 11.11 -18.95 31.36
N LEU A 188 9.91 -18.91 31.90
CA LEU A 188 9.07 -17.76 31.71
C LEU A 188 8.58 -17.20 33.03
N ARG A 189 8.60 -15.88 33.15
CA ARG A 189 8.02 -15.23 34.31
C ARG A 189 7.00 -14.27 33.75
N LEU A 190 5.88 -14.13 34.40
CA LEU A 190 4.85 -13.25 33.87
C LEU A 190 3.95 -12.77 34.96
N ALA A 191 3.93 -11.44 35.14
CA ALA A 191 3.13 -10.72 36.16
C ALA A 191 1.63 -10.62 35.91
N ALA A 192 1.00 -11.80 35.77
CA ALA A 192 -0.43 -11.93 35.52
C ALA A 192 -1.02 -13.05 36.40
N SER A 193 -2.15 -12.75 37.05
CA SER A 193 -2.83 -13.73 37.91
C SER A 193 -4.10 -14.21 37.26
N ARG A 194 -4.51 -13.65 36.11
CA ARG A 194 -5.73 -14.09 35.44
C ARG A 194 -5.52 -14.23 33.95
N PHE A 195 -6.40 -15.04 33.38
CA PHE A 195 -6.38 -15.22 31.96
C PHE A 195 -7.79 -15.33 31.41
N VAL A 196 -7.90 -15.26 30.08
CA VAL A 196 -9.14 -15.34 29.33
C VAL A 196 -9.21 -16.64 28.59
N PRO A 197 -10.05 -17.54 29.08
CA PRO A 197 -10.19 -18.83 28.48
C PRO A 197 -10.93 -18.74 27.14
N LEU A 198 -10.66 -19.70 26.27
CA LEU A 198 -11.26 -19.77 24.96
C LEU A 198 -12.46 -20.70 24.95
N LYS A 199 -13.48 -20.39 24.14
CA LYS A 199 -14.66 -21.23 24.11
C LYS A 199 -14.44 -22.65 23.57
N ASP A 200 -13.75 -22.73 22.46
CA ASP A 200 -13.47 -23.97 21.80
C ASP A 200 -12.42 -23.73 20.77
N GLN A 201 -12.30 -24.70 19.88
CA GLN A 201 -11.34 -24.72 18.80
C GLN A 201 -11.41 -23.55 17.82
N THR A 202 -12.50 -22.79 17.85
CA THR A 202 -12.60 -21.63 17.00
C THR A 202 -11.80 -20.49 17.61
N GLU A 203 -11.45 -20.66 18.89
CA GLU A 203 -10.62 -19.72 19.60
C GLU A 203 -11.25 -18.41 19.91
N ILE A 204 -12.58 -18.36 19.89
CA ILE A 204 -13.22 -17.13 20.30
C ILE A 204 -13.25 -17.19 21.83
N VAL A 205 -13.43 -16.06 22.54
CA VAL A 205 -13.47 -16.14 23.97
C VAL A 205 -14.68 -16.84 24.51
N ARG A 206 -14.45 -17.52 25.61
CA ARG A 206 -15.49 -18.24 26.28
C ARG A 206 -16.52 -17.33 26.95
N GLY A 207 -16.11 -16.21 27.52
CA GLY A 207 -17.06 -15.29 28.14
C GLY A 207 -16.66 -14.79 29.53
N ASP A 208 -15.74 -15.57 30.16
CA ASP A 208 -15.29 -15.30 31.51
C ASP A 208 -13.82 -15.03 31.67
N ILE A 209 -13.52 -14.57 32.86
CA ILE A 209 -12.16 -14.25 33.26
C ILE A 209 -11.82 -15.20 34.39
N VAL A 210 -10.68 -15.86 34.29
CA VAL A 210 -10.33 -16.83 35.29
C VAL A 210 -9.02 -16.62 36.03
N ASP A 211 -9.08 -16.87 37.29
CA ASP A 211 -7.90 -16.77 38.11
C ASP A 211 -7.05 -18.03 37.91
N ILE A 212 -5.74 -17.81 37.67
CA ILE A 212 -4.78 -18.87 37.40
C ILE A 212 -3.82 -19.12 38.53
N LYS A 213 -3.97 -18.34 39.60
CA LYS A 213 -3.09 -18.53 40.72
C LYS A 213 -3.07 -19.99 41.10
N ASN A 214 -1.85 -20.49 41.29
CA ASN A 214 -1.60 -21.86 41.67
C ASN A 214 -2.00 -22.94 40.69
N THR A 215 -1.99 -22.61 39.39
CA THR A 215 -2.32 -23.57 38.35
C THR A 215 -1.09 -23.72 37.45
N ASP A 216 -1.20 -24.54 36.42
CA ASP A 216 -0.06 -24.76 35.56
C ASP A 216 0.29 -23.52 34.78
N LEU A 217 -0.62 -22.58 34.75
CA LEU A 217 -0.38 -21.35 34.02
C LEU A 217 0.01 -20.19 34.92
N ASP A 218 0.42 -20.48 36.14
CA ASP A 218 0.78 -19.37 36.96
C ASP A 218 2.29 -19.13 36.83
N PHE A 219 2.73 -18.02 36.24
CA PHE A 219 4.15 -17.83 36.02
C PHE A 219 4.64 -16.66 36.76
N ARG A 220 3.85 -16.34 37.80
CA ARG A 220 4.21 -15.19 38.61
C ARG A 220 5.61 -15.37 39.16
N GLN A 221 5.99 -16.63 39.30
CA GLN A 221 7.28 -17.04 39.78
C GLN A 221 7.89 -17.78 38.62
N GLU A 222 9.11 -17.44 38.25
CA GLU A 222 9.69 -18.09 37.08
C GLU A 222 9.48 -19.59 37.04
N LYS A 223 9.23 -20.11 35.86
CA LYS A 223 9.04 -21.52 35.65
C LYS A 223 9.30 -21.96 34.22
N GLN A 224 9.67 -23.21 34.05
CA GLN A 224 9.95 -23.72 32.73
C GLN A 224 8.69 -24.02 32.01
N LEU A 225 8.74 -23.68 30.75
CA LEU A 225 7.60 -23.87 29.89
C LEU A 225 7.09 -25.28 29.81
N SER A 226 7.99 -26.23 29.95
CA SER A 226 7.53 -27.61 29.83
C SER A 226 6.41 -27.87 30.80
N ASN A 227 6.44 -27.19 31.91
CA ASN A 227 5.38 -27.43 32.85
C ASN A 227 4.04 -27.16 32.22
N ALA A 228 3.91 -25.95 31.71
CA ALA A 228 2.65 -25.64 31.11
C ALA A 228 2.36 -26.61 30.01
N PHE A 229 3.37 -26.86 29.22
CA PHE A 229 3.18 -27.76 28.10
C PHE A 229 2.77 -29.14 28.54
N ASN A 230 3.12 -29.59 29.73
CA ASN A 230 2.73 -30.96 30.08
C ASN A 230 1.49 -31.03 30.93
N SER A 231 0.88 -29.86 31.13
CA SER A 231 -0.31 -29.73 31.94
C SER A 231 -1.51 -30.41 31.36
N ASN A 232 -2.42 -30.76 32.24
CA ASN A 232 -3.66 -31.39 31.81
C ASN A 232 -4.85 -30.44 31.93
N MET A 233 -4.60 -29.14 32.17
CA MET A 233 -5.68 -28.19 32.22
C MET A 233 -6.41 -28.26 30.90
N GLU A 234 -7.74 -28.21 30.95
CA GLU A 234 -8.45 -28.31 29.70
C GLU A 234 -8.11 -27.21 28.70
N GLN A 235 -7.74 -26.01 29.18
CA GLN A 235 -7.42 -24.89 28.27
C GLN A 235 -6.14 -25.18 27.47
N VAL A 236 -5.16 -25.86 28.13
CA VAL A 236 -3.88 -26.23 27.51
C VAL A 236 -4.13 -27.32 26.47
N GLN A 237 -4.94 -28.26 26.92
CA GLN A 237 -5.25 -29.38 26.06
C GLN A 237 -6.05 -28.94 24.86
N LEU A 238 -6.88 -27.94 25.04
CA LEU A 238 -7.72 -27.42 23.97
C LEU A 238 -6.92 -26.97 22.75
N VAL A 239 -5.86 -26.21 23.01
CA VAL A 239 -5.04 -25.65 21.93
C VAL A 239 -3.71 -26.36 21.75
N LYS A 240 -3.41 -27.28 22.67
CA LYS A 240 -2.18 -28.01 22.60
C LYS A 240 -1.00 -27.10 22.89
N GLY A 241 -1.13 -26.26 23.90
CA GLY A 241 -0.04 -25.36 24.25
C GLY A 241 -0.68 -24.16 24.88
N ILE A 242 -0.19 -22.95 24.56
CA ILE A 242 -0.81 -21.72 25.09
C ILE A 242 -1.17 -20.87 23.86
N ASP A 243 -2.33 -20.22 23.91
CA ASP A 243 -2.84 -19.33 22.85
C ASP A 243 -3.87 -18.45 23.52
N HIS A 244 -3.42 -17.69 24.54
CA HIS A 244 -4.35 -16.93 25.36
C HIS A 244 -3.85 -15.60 25.87
N PRO A 245 -4.83 -14.75 26.16
CA PRO A 245 -4.57 -13.44 26.73
C PRO A 245 -4.41 -13.53 28.24
N PHE A 246 -3.32 -12.99 28.74
CA PHE A 246 -3.06 -12.96 30.17
C PHE A 246 -3.31 -11.55 30.61
N LEU A 247 -4.03 -11.37 31.73
CA LEU A 247 -4.29 -10.01 32.20
C LEU A 247 -3.21 -9.53 33.18
N LEU A 248 -2.50 -8.46 32.84
CA LEU A 248 -1.44 -7.99 33.68
C LEU A 248 -1.98 -7.47 34.99
N ASP A 249 -1.28 -7.79 36.09
CA ASP A 249 -1.74 -7.30 37.39
C ASP A 249 -1.57 -5.80 37.66
N GLN A 250 -0.44 -5.27 37.23
CA GLN A 250 -0.15 -3.86 37.44
C GLN A 250 0.21 -3.22 36.10
N LEU A 251 -0.53 -2.18 35.71
CA LEU A 251 -0.27 -1.53 34.47
C LEU A 251 0.77 -0.44 34.57
N GLY A 252 1.54 -0.26 33.48
CA GLY A 252 2.57 0.79 33.41
C GLY A 252 3.82 0.32 32.71
N LEU A 253 4.42 1.27 31.98
CA LEU A 253 5.64 0.97 31.21
C LEU A 253 6.91 0.70 32.02
N ASP A 254 6.94 1.12 33.28
CA ASP A 254 8.10 0.93 34.11
C ASP A 254 8.24 -0.45 34.76
N LYS A 255 7.25 -1.28 34.58
CA LYS A 255 7.33 -2.56 35.23
C LYS A 255 7.72 -3.67 34.26
N GLU A 256 8.64 -4.53 34.67
CA GLU A 256 8.96 -5.64 33.79
C GLU A 256 7.77 -6.59 33.91
N GLN A 257 7.02 -6.76 32.82
CA GLN A 257 5.80 -7.57 32.82
C GLN A 257 6.01 -9.05 32.57
N ALA A 258 7.08 -9.34 31.84
CA ALA A 258 7.40 -10.71 31.53
C ALA A 258 8.86 -10.81 31.29
N ARG A 259 9.35 -12.03 31.41
CA ARG A 259 10.74 -12.32 31.19
C ARG A 259 10.90 -13.71 30.64
N LEU A 260 11.63 -13.83 29.54
CA LEU A 260 11.88 -15.11 28.90
C LEU A 260 13.36 -15.40 29.02
N THR A 261 13.72 -16.55 29.61
CA THR A 261 15.11 -16.84 29.83
C THR A 261 15.53 -18.21 29.38
N LEU A 262 16.74 -18.23 28.84
CA LEU A 262 17.38 -19.45 28.42
C LEU A 262 18.86 -19.29 28.71
N ASP A 263 19.35 -19.99 29.74
CA ASP A 263 20.76 -19.92 30.13
C ASP A 263 21.16 -18.51 30.55
N ASP A 264 22.21 -17.98 29.94
CA ASP A 264 22.81 -16.66 30.17
C ASP A 264 22.05 -15.49 29.50
N THR A 265 21.07 -15.86 28.67
CA THR A 265 20.33 -14.93 27.85
C THR A 265 18.86 -14.74 28.23
N SER A 266 18.48 -13.48 28.47
CA SER A 266 17.11 -13.22 28.86
C SER A 266 16.51 -12.00 28.11
N ILE A 267 15.18 -12.01 27.92
CA ILE A 267 14.40 -10.94 27.26
C ILE A 267 13.36 -10.48 28.24
N SER A 268 13.32 -9.19 28.47
CA SER A 268 12.35 -8.61 29.34
C SER A 268 11.33 -7.84 28.50
N VAL A 269 10.07 -7.91 28.91
CA VAL A 269 9.04 -7.21 28.18
C VAL A 269 8.42 -6.10 29.00
N PHE A 270 8.31 -4.88 28.44
CA PHE A 270 7.66 -3.78 29.13
C PHE A 270 6.54 -3.23 28.23
N THR A 271 5.39 -2.80 28.73
CA THR A 271 4.38 -2.25 27.82
C THR A 271 3.43 -1.33 28.55
N ASP A 272 2.67 -0.56 27.78
CA ASP A 272 1.71 0.24 28.48
C ASP A 272 0.34 -0.36 28.23
N GLN A 273 0.33 -1.57 27.66
CA GLN A 273 -0.92 -2.25 27.36
C GLN A 273 -1.33 -3.09 28.55
N PRO A 274 -2.61 -3.46 28.65
CA PRO A 274 -3.10 -4.23 29.77
C PRO A 274 -3.00 -5.74 29.63
N SER A 275 -2.68 -6.23 28.46
CA SER A 275 -2.61 -7.66 28.35
C SER A 275 -1.53 -8.10 27.40
N ILE A 276 -1.15 -9.36 27.56
CA ILE A 276 -0.21 -9.97 26.69
C ILE A 276 -0.81 -11.29 26.19
N VAL A 277 -0.92 -11.41 24.88
CA VAL A 277 -1.40 -12.67 24.36
C VAL A 277 -0.21 -13.59 24.13
N ILE A 278 -0.24 -14.78 24.71
CA ILE A 278 0.88 -15.71 24.54
C ILE A 278 0.53 -16.88 23.66
N PHE A 279 1.25 -17.03 22.55
CA PHE A 279 0.97 -18.14 21.65
C PHE A 279 2.26 -18.90 21.45
N THR A 280 2.24 -20.20 21.72
CA THR A 280 3.45 -21.05 21.59
C THR A 280 3.63 -21.86 20.30
N ALA A 281 3.28 -21.30 19.15
CA ALA A 281 3.49 -21.96 17.87
C ALA A 281 3.04 -23.40 17.90
N ASN A 282 1.76 -23.53 18.20
CA ASN A 282 1.13 -24.82 18.33
C ASN A 282 0.80 -25.41 16.96
N PHE A 283 1.80 -25.42 16.06
CA PHE A 283 1.55 -25.87 14.68
C PHE A 283 1.61 -27.35 14.33
N GLY A 284 1.65 -28.19 15.35
CA GLY A 284 1.71 -29.59 15.05
C GLY A 284 2.92 -29.94 14.15
N ASP A 285 2.61 -30.69 13.08
CA ASP A 285 3.55 -31.24 12.12
C ASP A 285 3.72 -30.35 10.93
N LEU A 286 3.14 -29.15 10.99
CA LEU A 286 3.24 -28.25 9.84
C LEU A 286 4.68 -28.19 9.31
N GLY A 287 5.67 -28.00 10.16
CA GLY A 287 7.04 -27.97 9.68
C GLY A 287 7.41 -26.78 8.81
N THR A 288 6.85 -25.61 9.06
CA THR A 288 7.27 -24.47 8.26
C THR A 288 8.80 -24.35 8.30
N LEU A 289 9.42 -23.96 7.20
CA LEU A 289 10.85 -23.88 7.26
C LEU A 289 11.44 -22.51 7.50
N TYR A 290 12.28 -22.48 8.50
CA TYR A 290 12.98 -21.25 8.85
C TYR A 290 14.45 -21.46 8.79
N HIS A 291 15.06 -20.79 7.81
CA HIS A 291 16.51 -20.90 7.67
C HIS A 291 16.86 -22.35 7.39
N GLU A 292 16.02 -22.96 6.57
CA GLU A 292 16.28 -24.32 6.21
C GLU A 292 15.90 -25.30 7.31
N LYS A 293 15.58 -24.82 8.52
CA LYS A 293 15.13 -25.66 9.65
C LYS A 293 13.59 -25.79 9.72
N LYS A 294 13.16 -27.05 9.81
CA LYS A 294 11.75 -27.32 9.90
C LYS A 294 11.24 -27.01 11.29
N GLN A 295 10.26 -26.14 11.36
CA GLN A 295 9.73 -25.78 12.65
C GLN A 295 8.96 -26.89 13.35
N VAL A 296 9.22 -27.00 14.64
CA VAL A 296 8.53 -27.96 15.50
C VAL A 296 7.39 -27.33 16.28
N HIS A 297 6.41 -28.16 16.62
CA HIS A 297 5.33 -27.73 17.44
C HIS A 297 5.97 -27.09 18.68
N HIS A 298 5.55 -25.88 19.06
CA HIS A 298 6.16 -25.20 20.19
C HIS A 298 7.54 -24.61 19.88
N GLY A 299 7.85 -24.48 18.60
CA GLY A 299 9.13 -23.93 18.18
C GLY A 299 9.18 -22.41 18.20
N GLY A 300 8.38 -21.76 19.03
CA GLY A 300 8.40 -20.31 19.12
C GLY A 300 7.39 -19.80 20.12
N ILE A 301 7.51 -18.55 20.56
CA ILE A 301 6.54 -17.99 21.51
C ILE A 301 6.37 -16.50 21.32
N THR A 302 5.12 -16.03 21.38
CA THR A 302 4.90 -14.59 21.22
C THR A 302 4.61 -13.89 22.51
N PHE A 303 4.69 -12.58 22.50
CA PHE A 303 4.29 -11.71 23.59
C PHE A 303 3.54 -10.60 22.88
N GLU A 304 2.30 -10.81 22.53
CA GLU A 304 1.56 -9.77 21.83
C GLU A 304 0.91 -8.83 22.85
N CYS A 305 1.49 -7.64 23.03
CA CYS A 305 0.97 -6.70 24.01
C CYS A 305 -0.17 -5.91 23.38
N GLN A 306 -1.33 -5.90 24.00
CA GLN A 306 -2.46 -5.15 23.42
C GLN A 306 -3.60 -5.22 24.42
N VAL A 307 -4.77 -4.70 24.03
CA VAL A 307 -5.96 -4.83 24.86
C VAL A 307 -6.42 -6.25 24.51
N SER A 308 -6.79 -7.06 25.49
CA SER A 308 -7.19 -8.43 25.24
C SER A 308 -8.27 -8.56 24.18
N PRO A 309 -8.12 -9.58 23.33
CA PRO A 309 -9.19 -9.84 22.38
C PRO A 309 -10.45 -10.26 23.17
N GLY A 310 -11.64 -10.15 22.58
CA GLY A 310 -12.88 -10.57 23.22
C GLY A 310 -13.64 -9.50 23.97
N SER A 311 -13.24 -8.22 23.89
CA SER A 311 -13.91 -7.17 24.64
C SER A 311 -15.27 -6.95 24.06
N GLU A 312 -15.49 -7.54 22.89
CA GLU A 312 -16.80 -7.40 22.32
C GLU A 312 -17.79 -8.14 23.18
N GLN A 313 -17.34 -9.21 23.83
CA GLN A 313 -18.20 -10.02 24.69
C GLN A 313 -17.98 -9.80 26.19
N ILE A 314 -16.82 -9.30 26.56
CA ILE A 314 -16.42 -9.07 27.95
C ILE A 314 -15.84 -7.69 28.06
N PRO A 315 -16.74 -6.73 28.22
CA PRO A 315 -16.39 -5.32 28.31
C PRO A 315 -15.42 -4.95 29.39
N GLU A 316 -15.37 -5.80 30.40
CA GLU A 316 -14.44 -5.57 31.50
C GLU A 316 -13.03 -5.51 30.93
N LEU A 317 -12.83 -6.20 29.80
CA LEU A 317 -11.52 -6.26 29.23
C LEU A 317 -11.02 -4.94 28.74
N GLY A 318 -11.91 -4.05 28.42
CA GLY A 318 -11.41 -2.81 27.89
C GLY A 318 -12.28 -2.34 26.74
N ASP A 319 -11.83 -1.28 26.11
CA ASP A 319 -12.58 -0.71 25.01
C ASP A 319 -11.59 -0.28 23.96
N ILE A 320 -11.75 -0.87 22.75
CA ILE A 320 -10.81 -0.50 21.72
C ILE A 320 -11.30 0.60 20.79
N SER A 321 -12.33 1.32 21.19
CA SER A 321 -12.84 2.36 20.32
C SER A 321 -11.81 3.46 20.13
N LEU A 322 -11.83 4.09 18.96
CA LEU A 322 -10.93 5.20 18.65
C LEU A 322 -11.87 6.24 18.08
N LYS A 323 -12.07 7.34 18.81
CA LYS A 323 -12.94 8.44 18.36
C LYS A 323 -12.28 9.31 17.32
N ALA A 324 -13.07 9.84 16.38
CA ALA A 324 -12.47 10.70 15.37
C ALA A 324 -11.67 11.83 16.02
N GLY A 325 -10.52 12.09 15.44
CA GLY A 325 -9.64 13.15 15.90
C GLY A 325 -8.78 12.83 17.11
N GLU A 326 -9.02 11.70 17.77
CA GLU A 326 -8.22 11.36 18.93
C GLU A 326 -6.94 10.69 18.51
N LYS A 327 -5.89 10.98 19.24
CA LYS A 327 -4.64 10.34 18.89
C LYS A 327 -4.35 9.10 19.72
N TYR A 328 -4.20 7.98 19.03
CA TYR A 328 -3.87 6.71 19.66
C TYR A 328 -2.37 6.64 19.84
N GLN A 329 -1.89 6.09 20.98
CA GLN A 329 -0.46 5.90 21.27
C GLN A 329 -0.30 4.60 22.02
N ALA A 330 0.72 3.84 21.75
CA ALA A 330 0.99 2.61 22.45
C ALA A 330 2.50 2.39 22.38
N THR A 331 3.04 1.71 23.39
CA THR A 331 4.47 1.48 23.43
C THR A 331 4.77 0.16 24.04
N THR A 332 5.63 -0.59 23.38
CA THR A 332 6.05 -1.89 23.88
C THR A 332 7.57 -2.02 23.76
N ILE A 333 8.26 -2.53 24.77
CA ILE A 333 9.69 -2.66 24.70
C ILE A 333 10.20 -4.05 25.00
N TYR A 334 11.14 -4.49 24.15
CA TYR A 334 11.75 -5.80 24.39
C TYR A 334 13.22 -5.49 24.65
N SER A 335 13.65 -5.85 25.86
CA SER A 335 15.01 -5.59 26.30
C SER A 335 15.81 -6.86 26.40
N LEU A 336 16.97 -6.89 25.76
CA LEU A 336 17.89 -8.04 25.75
C LEU A 336 18.99 -7.92 26.84
N HIS A 337 19.20 -8.97 27.64
CA HIS A 337 20.20 -9.01 28.68
C HIS A 337 20.99 -10.28 28.63
N THR A 338 22.27 -10.14 28.95
CA THR A 338 23.18 -11.27 28.95
C THR A 338 23.96 -11.39 30.26
N LYS A 339 23.85 -12.50 30.96
CA LYS A 339 24.57 -12.58 32.22
C LYS A 339 26.07 -12.68 32.08
N LEU A 340 26.80 -12.02 33.01
CA LEU A 340 28.27 -11.99 33.03
C LEU A 340 28.81 -12.29 34.45
N SER B 2 19.96 -2.50 -20.30
CA SER B 2 20.45 -2.58 -18.94
C SER B 2 19.36 -2.19 -17.97
N ILE B 3 19.36 -2.81 -16.80
CA ILE B 3 18.38 -2.55 -15.75
C ILE B 3 19.16 -2.14 -14.54
N LYS B 4 18.72 -1.10 -13.90
CA LYS B 4 19.39 -0.65 -12.72
C LYS B 4 18.31 -0.30 -11.72
N ILE B 5 18.60 -0.51 -10.44
CA ILE B 5 17.63 -0.17 -9.41
C ILE B 5 18.26 0.52 -8.21
N ARG B 6 17.59 1.51 -7.63
CA ARG B 6 18.14 2.16 -6.47
C ARG B 6 17.02 2.72 -5.65
N ASP B 7 17.31 3.09 -4.41
CA ASP B 7 16.25 3.66 -3.58
C ASP B 7 15.88 5.00 -4.16
N PHE B 8 14.59 5.34 -4.12
CA PHE B 8 14.10 6.60 -4.65
C PHE B 8 13.57 7.49 -3.54
N GLY B 9 13.54 6.98 -2.30
CA GLY B 9 13.09 7.81 -1.19
C GLY B 9 11.88 7.16 -0.54
N LEU B 10 11.76 7.32 0.79
CA LEU B 10 10.60 6.81 1.56
C LEU B 10 10.35 5.31 1.49
N GLY B 11 11.30 4.59 0.93
CA GLY B 11 11.11 3.17 0.80
C GLY B 11 10.73 2.80 -0.64
N SER B 12 10.55 3.80 -1.50
CA SER B 12 10.23 3.48 -2.91
C SER B 12 11.54 3.23 -3.68
N ASP B 13 11.43 2.57 -4.81
CA ASP B 13 12.65 2.33 -5.59
C ASP B 13 12.51 2.97 -6.96
N LEU B 14 13.63 3.22 -7.64
CA LEU B 14 13.60 3.77 -8.98
C LEU B 14 14.19 2.65 -9.88
N ILE B 15 13.44 2.23 -10.91
CA ILE B 15 13.87 1.17 -11.84
C ILE B 15 14.18 1.87 -13.17
N SER B 16 15.44 1.82 -13.64
CA SER B 16 15.86 2.52 -14.87
C SER B 16 16.26 1.54 -15.92
N LEU B 17 15.64 1.69 -17.08
CA LEU B 17 15.93 0.78 -18.18
C LEU B 17 16.53 1.56 -19.33
N THR B 18 17.49 0.96 -20.03
CA THR B 18 18.10 1.60 -21.18
C THR B 18 17.98 0.58 -22.27
N ASN B 19 17.40 0.90 -23.42
CA ASN B 19 17.27 -0.14 -24.42
C ASN B 19 18.50 -0.09 -25.32
N LYS B 20 18.50 -0.93 -26.33
CA LYS B 20 19.64 -0.96 -27.23
C LYS B 20 19.88 0.33 -28.02
N ALA B 21 18.88 1.17 -28.24
CA ALA B 21 19.07 2.43 -28.94
C ALA B 21 19.60 3.56 -28.03
N GLY B 22 19.82 3.27 -26.74
CA GLY B 22 20.31 4.27 -25.82
C GLY B 22 19.22 5.11 -25.16
N VAL B 23 17.96 4.80 -25.47
CA VAL B 23 16.87 5.55 -24.85
C VAL B 23 16.66 4.99 -23.47
N THR B 24 16.48 5.89 -22.51
CA THR B 24 16.25 5.44 -21.12
C THR B 24 14.89 5.82 -20.56
N ILE B 25 14.35 4.93 -19.76
CA ILE B 25 13.05 5.29 -19.21
C ILE B 25 13.07 4.82 -17.76
N SER B 26 12.31 5.53 -16.89
CA SER B 26 12.37 5.08 -15.49
C SER B 26 11.01 5.05 -14.78
N PHE B 27 10.89 4.10 -13.83
CA PHE B 27 9.63 3.97 -13.08
C PHE B 27 9.87 3.85 -11.61
N THR B 28 8.80 4.11 -10.84
CA THR B 28 8.85 3.92 -9.37
C THR B 28 7.63 3.09 -8.90
N ASN B 29 7.80 2.28 -7.87
CA ASN B 29 6.68 1.49 -7.37
C ASN B 29 5.76 2.34 -6.52
N LEU B 30 6.09 3.63 -6.31
CA LEU B 30 5.17 4.48 -5.58
C LEU B 30 4.11 4.90 -6.58
N GLY B 31 2.98 4.19 -6.63
CA GLY B 31 1.92 4.53 -7.58
C GLY B 31 2.13 3.91 -8.97
N ALA B 32 2.97 2.86 -9.08
CA ALA B 32 3.25 2.17 -10.39
C ALA B 32 3.33 3.23 -11.49
N ARG B 33 4.35 4.08 -11.34
CA ARG B 33 4.42 5.28 -12.10
C ARG B 33 5.63 5.49 -12.90
N ILE B 34 5.42 6.22 -14.00
CA ILE B 34 6.59 6.56 -14.84
C ILE B 34 7.21 7.85 -14.27
N VAL B 35 8.55 7.82 -14.12
CA VAL B 35 9.26 8.99 -13.56
C VAL B 35 9.94 9.82 -14.63
N ASP B 36 10.58 9.15 -15.58
CA ASP B 36 11.27 9.88 -16.62
C ASP B 36 11.40 9.01 -17.88
N TRP B 37 11.63 9.74 -18.98
CA TRP B 37 11.82 9.19 -20.31
C TRP B 37 12.68 10.18 -21.03
N GLN B 38 13.92 9.78 -21.35
CA GLN B 38 14.83 10.72 -22.01
C GLN B 38 15.44 10.19 -23.28
N LYS B 39 15.68 11.14 -24.19
CA LYS B 39 16.35 10.82 -25.41
C LYS B 39 17.45 11.85 -25.53
N ASP B 40 18.67 11.39 -25.70
CA ASP B 40 19.75 12.35 -25.84
C ASP B 40 19.83 13.40 -24.75
N GLY B 41 19.62 13.01 -23.52
CA GLY B 41 19.74 13.90 -22.41
C GLY B 41 18.55 14.85 -22.27
N LYS B 42 17.51 14.65 -23.07
CA LYS B 42 16.37 15.52 -22.94
C LYS B 42 15.14 14.81 -22.38
N HIS B 43 14.47 15.40 -21.38
CA HIS B 43 13.28 14.81 -20.80
C HIS B 43 12.12 14.97 -21.75
N LEU B 44 11.45 13.87 -22.05
CA LEU B 44 10.27 13.89 -22.93
C LEU B 44 8.92 14.09 -22.15
N ILE B 45 8.99 13.84 -20.81
CA ILE B 45 7.86 13.94 -19.88
C ILE B 45 8.25 14.70 -18.64
N LEU B 46 7.20 14.99 -17.88
CA LEU B 46 7.37 15.68 -16.60
C LEU B 46 7.51 14.66 -15.48
N GLY B 47 8.41 14.97 -14.55
CA GLY B 47 8.61 14.14 -13.37
C GLY B 47 9.51 14.87 -12.40
N PHE B 48 9.62 14.35 -11.19
CA PHE B 48 10.44 14.87 -10.07
C PHE B 48 11.66 14.00 -9.86
N ASP B 49 12.49 14.42 -8.92
CA ASP B 49 13.71 13.70 -8.69
C ASP B 49 13.71 12.81 -7.47
N SER B 50 12.63 12.80 -6.71
CA SER B 50 12.53 11.94 -5.57
C SER B 50 11.07 11.71 -5.24
N ALA B 51 10.89 10.62 -4.52
CA ALA B 51 9.57 10.25 -4.07
C ALA B 51 8.87 11.34 -3.25
N LYS B 52 9.55 11.95 -2.33
CA LYS B 52 8.96 12.97 -1.50
C LYS B 52 8.35 14.13 -2.27
N GLU B 53 8.93 14.44 -3.42
CA GLU B 53 8.43 15.56 -4.24
C GLU B 53 7.08 15.22 -4.75
N TYR B 54 6.92 13.96 -5.10
CA TYR B 54 5.59 13.60 -5.58
C TYR B 54 4.55 13.75 -4.48
N LEU B 55 4.93 13.33 -3.30
CA LEU B 55 4.05 13.40 -2.16
C LEU B 55 3.83 14.82 -1.68
N GLU B 56 4.80 15.67 -1.87
CA GLU B 56 4.58 17.04 -1.43
C GLU B 56 4.13 17.99 -2.51
N LYS B 57 4.46 17.78 -3.80
CA LYS B 57 4.04 18.73 -4.80
C LYS B 57 2.79 18.27 -5.53
N ASP B 58 2.86 17.12 -6.19
CA ASP B 58 1.70 16.68 -6.93
C ASP B 58 1.89 15.23 -7.11
N ALA B 59 0.99 14.50 -6.54
CA ALA B 59 1.16 13.06 -6.58
C ALA B 59 0.62 12.37 -7.81
N TYR B 60 0.00 13.10 -8.72
CA TYR B 60 -0.56 12.45 -9.91
C TYR B 60 0.35 12.22 -11.11
N PRO B 61 1.26 13.11 -11.36
CA PRO B 61 2.06 12.93 -12.57
C PRO B 61 2.66 11.60 -12.82
N GLY B 62 2.42 11.02 -13.98
CA GLY B 62 3.01 9.74 -14.33
C GLY B 62 2.40 8.52 -13.65
N ALA B 63 1.50 8.73 -12.73
CA ALA B 63 0.96 7.59 -11.97
C ALA B 63 -0.08 6.72 -12.60
N THR B 64 -0.22 5.55 -11.99
CA THR B 64 -1.36 4.75 -12.37
C THR B 64 -2.49 5.28 -11.46
N VAL B 65 -3.64 5.68 -12.00
CA VAL B 65 -4.71 6.17 -11.13
C VAL B 65 -5.97 5.30 -11.27
N GLY B 66 -6.69 5.15 -10.16
CA GLY B 66 -7.91 4.33 -10.17
C GLY B 66 -8.39 4.15 -8.75
N PRO B 67 -9.26 3.18 -8.54
CA PRO B 67 -9.79 2.23 -9.52
C PRO B 67 -10.54 2.81 -10.67
N THR B 68 -11.11 3.98 -10.50
CA THR B 68 -11.81 4.65 -11.57
C THR B 68 -11.16 6.00 -11.82
N ALA B 69 -10.76 6.20 -13.05
CA ALA B 69 -10.13 7.44 -13.38
C ALA B 69 -11.14 8.52 -13.75
N GLY B 70 -10.88 9.72 -13.29
CA GLY B 70 -11.76 10.81 -13.64
C GLY B 70 -12.69 11.10 -12.51
N ARG B 71 -13.67 11.94 -12.77
CA ARG B 71 -14.69 12.34 -11.78
C ARG B 71 -16.03 11.58 -11.88
N ILE B 72 -16.54 11.14 -10.73
CA ILE B 72 -17.85 10.49 -10.63
C ILE B 72 -18.72 11.44 -9.81
N LYS B 73 -19.73 11.98 -10.48
CA LYS B 73 -20.63 12.94 -9.85
C LYS B 73 -21.21 12.45 -8.53
N ASP B 74 -21.01 13.24 -7.47
CA ASP B 74 -21.52 12.93 -6.16
C ASP B 74 -21.00 11.61 -5.59
N GLY B 75 -20.00 10.99 -6.21
CA GLY B 75 -19.40 9.74 -5.75
C GLY B 75 -20.38 8.57 -5.86
N LEU B 76 -21.45 8.73 -6.66
CA LEU B 76 -22.42 7.67 -6.76
C LEU B 76 -22.36 6.76 -7.96
N VAL B 77 -22.24 5.46 -7.67
CA VAL B 77 -22.23 4.46 -8.72
C VAL B 77 -23.30 3.44 -8.41
N LYS B 78 -23.74 2.76 -9.45
CA LYS B 78 -24.72 1.71 -9.38
C LYS B 78 -24.10 0.41 -9.78
N ILE B 79 -24.00 -0.47 -8.81
CA ILE B 79 -23.40 -1.76 -9.03
C ILE B 79 -24.35 -2.92 -8.75
N SER B 80 -24.70 -3.52 -9.86
CA SER B 80 -25.63 -4.63 -9.85
C SER B 80 -26.92 -4.30 -9.09
N GLY B 81 -27.52 -3.22 -9.59
CA GLY B 81 -28.76 -2.71 -9.02
C GLY B 81 -28.56 -2.03 -7.70
N LYS B 82 -27.35 -2.02 -7.15
CA LYS B 82 -27.24 -1.35 -5.88
C LYS B 82 -26.45 -0.07 -6.03
N ASP B 83 -26.87 0.93 -5.28
CA ASP B 83 -26.22 2.22 -5.28
C ASP B 83 -25.06 2.21 -4.28
N TYR B 84 -23.89 2.72 -4.65
CA TYR B 84 -22.80 2.75 -3.71
C TYR B 84 -22.24 4.11 -3.74
N ILE B 85 -21.87 4.59 -2.57
CA ILE B 85 -21.23 5.90 -2.50
C ILE B 85 -19.75 5.71 -2.20
N LEU B 86 -18.91 6.31 -3.06
CA LEU B 86 -17.49 6.20 -2.93
C LEU B 86 -16.91 7.41 -2.25
N ASN B 87 -15.65 7.29 -1.87
CA ASN B 87 -15.02 8.41 -1.19
C ASN B 87 -15.10 9.67 -2.00
N GLN B 88 -15.51 10.74 -1.39
CA GLN B 88 -15.61 11.96 -2.16
C GLN B 88 -14.45 12.85 -1.78
N ASN B 89 -13.59 13.14 -2.72
CA ASN B 89 -12.42 13.91 -2.38
C ASN B 89 -12.30 15.22 -3.13
N GLU B 90 -13.28 15.58 -3.95
CA GLU B 90 -13.21 16.84 -4.66
C GLU B 90 -14.62 17.37 -4.54
N GLY B 91 -14.87 18.04 -3.45
CA GLY B 91 -16.24 18.46 -3.20
C GLY B 91 -17.05 17.15 -3.08
N PRO B 92 -18.25 17.07 -3.64
CA PRO B 92 -19.02 15.85 -3.55
C PRO B 92 -18.60 14.86 -4.61
N GLN B 93 -17.57 15.20 -5.36
CA GLN B 93 -17.12 14.29 -6.36
C GLN B 93 -16.02 13.36 -5.84
N THR B 94 -15.99 12.18 -6.47
CA THR B 94 -14.96 11.20 -6.29
C THR B 94 -14.05 11.38 -7.52
N LEU B 95 -12.82 11.89 -7.30
CA LEU B 95 -11.87 12.13 -8.38
C LEU B 95 -10.71 11.13 -8.23
N HIS B 96 -10.40 10.40 -9.33
CA HIS B 96 -9.32 9.41 -9.41
C HIS B 96 -9.32 8.45 -8.26
N GLY B 97 -10.49 7.85 -7.99
CA GLY B 97 -10.54 6.83 -6.94
C GLY B 97 -10.62 7.30 -5.51
N GLY B 98 -10.72 8.61 -5.25
CA GLY B 98 -10.84 9.03 -3.85
C GLY B 98 -9.53 9.45 -3.22
N GLU B 99 -9.58 9.87 -1.98
CA GLU B 99 -8.34 10.25 -1.33
C GLU B 99 -7.40 9.09 -1.07
N GLU B 100 -6.08 9.42 -1.00
CA GLU B 100 -5.05 8.43 -0.67
C GLU B 100 -5.30 7.13 -1.40
N SER B 101 -5.50 7.27 -2.68
CA SER B 101 -5.77 6.15 -3.56
C SER B 101 -4.50 5.46 -4.02
N ILE B 102 -4.63 4.59 -5.02
CA ILE B 102 -3.53 3.72 -5.46
C ILE B 102 -2.25 4.37 -5.93
N HIS B 103 -2.40 5.64 -6.34
CA HIS B 103 -1.28 6.41 -6.84
C HIS B 103 -0.35 6.78 -5.68
N THR B 104 -0.86 6.60 -4.47
CA THR B 104 -0.08 7.00 -3.33
C THR B 104 0.48 5.79 -2.60
N LYS B 105 0.21 4.58 -3.07
CA LYS B 105 0.72 3.40 -2.36
C LYS B 105 1.99 2.84 -2.96
N LEU B 106 2.76 2.07 -2.14
CA LEU B 106 3.96 1.42 -2.65
C LEU B 106 3.47 0.09 -3.20
N TRP B 107 3.62 -0.18 -4.49
CA TRP B 107 3.19 -1.49 -5.00
C TRP B 107 4.40 -2.45 -4.95
N THR B 108 4.18 -3.76 -4.84
CA THR B 108 5.31 -4.71 -4.90
C THR B 108 5.58 -4.88 -6.40
N TYR B 109 6.76 -5.38 -6.79
CA TYR B 109 7.03 -5.54 -8.22
C TYR B 109 8.08 -6.60 -8.49
N GLU B 110 8.09 -7.06 -9.74
CA GLU B 110 9.08 -8.04 -10.15
C GLU B 110 9.46 -7.65 -11.57
N VAL B 111 10.73 -7.75 -11.89
CA VAL B 111 11.22 -7.34 -13.21
C VAL B 111 11.52 -8.56 -14.09
N THR B 112 11.02 -8.60 -15.31
CA THR B 112 11.34 -9.74 -16.17
C THR B 112 12.12 -9.27 -17.39
N ASP B 113 13.33 -9.79 -17.56
CA ASP B 113 14.16 -9.40 -18.67
C ASP B 113 14.02 -10.33 -19.83
N LEU B 114 13.43 -9.84 -20.88
CA LEU B 114 13.23 -10.63 -22.06
C LEU B 114 14.19 -10.27 -23.16
N GLY B 115 15.28 -9.62 -22.78
CA GLY B 115 16.24 -9.26 -23.82
C GLY B 115 15.89 -7.99 -24.60
N ALA B 116 15.09 -8.14 -25.65
CA ALA B 116 14.71 -6.97 -26.43
C ALA B 116 13.62 -6.16 -25.76
N GLU B 117 13.04 -6.77 -24.73
CA GLU B 117 12.00 -6.16 -23.97
C GLU B 117 12.21 -6.44 -22.51
N VAL B 118 11.91 -5.46 -21.68
CA VAL B 118 12.01 -5.63 -20.25
C VAL B 118 10.67 -5.25 -19.63
N GLN B 119 10.10 -6.11 -18.79
CA GLN B 119 8.82 -5.79 -18.18
C GLN B 119 8.93 -5.58 -16.67
N VAL B 120 8.17 -4.62 -16.16
CA VAL B 120 8.16 -4.34 -14.71
C VAL B 120 6.70 -4.44 -14.33
N LYS B 121 6.40 -5.54 -13.64
CA LYS B 121 5.04 -5.81 -13.23
C LYS B 121 4.86 -5.45 -11.78
N PHE B 122 4.01 -4.46 -11.57
CA PHE B 122 3.65 -3.93 -10.25
C PHE B 122 2.30 -4.50 -9.81
N SER B 123 2.23 -4.84 -8.53
CA SER B 123 0.99 -5.46 -8.01
C SER B 123 0.47 -4.82 -6.74
N LEU B 124 -0.85 -4.83 -6.58
CA LEU B 124 -1.40 -4.28 -5.36
C LEU B 124 -2.78 -4.84 -5.27
N VAL B 125 -3.23 -4.95 -4.04
CA VAL B 125 -4.58 -5.42 -3.74
C VAL B 125 -5.37 -4.28 -3.15
N SER B 126 -6.50 -3.99 -3.73
CA SER B 126 -7.38 -2.99 -3.15
C SER B 126 -8.35 -3.81 -2.28
N ASN B 127 -8.30 -3.69 -0.95
CA ASN B 127 -9.22 -4.50 -0.14
C ASN B 127 -10.70 -4.17 -0.34
N ASP B 128 -11.53 -5.14 -0.01
CA ASP B 128 -12.94 -4.88 -0.16
C ASP B 128 -13.29 -3.70 0.73
N GLY B 129 -14.10 -2.79 0.23
CA GLY B 129 -14.58 -1.58 0.93
C GLY B 129 -13.64 -0.37 0.87
N THR B 130 -12.39 -0.55 0.39
CA THR B 130 -11.45 0.57 0.32
C THR B 130 -12.09 1.77 -0.41
N ASN B 131 -12.23 2.92 0.26
CA ASN B 131 -12.80 4.09 -0.42
C ASN B 131 -14.22 3.88 -0.98
N GLY B 132 -14.90 2.85 -0.46
CA GLY B 132 -16.26 2.53 -0.83
C GLY B 132 -16.36 1.50 -1.95
N TYR B 133 -15.23 1.08 -2.54
CA TYR B 133 -15.29 0.11 -3.66
C TYR B 133 -15.37 -1.36 -3.19
N PRO B 134 -16.34 -2.13 -3.72
CA PRO B 134 -16.45 -3.55 -3.38
C PRO B 134 -15.22 -4.28 -3.94
N GLY B 135 -14.69 -5.29 -3.24
CA GLY B 135 -13.49 -5.98 -3.69
C GLY B 135 -13.50 -7.28 -2.97
N LYS B 136 -12.33 -7.81 -2.65
CA LYS B 136 -11.09 -7.16 -2.96
C LYS B 136 -10.77 -7.26 -4.43
N ILE B 137 -9.87 -6.39 -4.86
CA ILE B 137 -9.50 -6.35 -6.25
C ILE B 137 -8.05 -6.61 -6.34
N GLU B 138 -7.64 -7.67 -7.05
CA GLU B 138 -6.19 -7.94 -7.21
C GLU B 138 -5.76 -7.25 -8.50
N MET B 139 -4.90 -6.21 -8.40
CA MET B 139 -4.52 -5.49 -9.59
C MET B 139 -3.06 -5.65 -9.94
N SER B 140 -2.79 -5.53 -11.25
CA SER B 140 -1.42 -5.54 -11.69
C SER B 140 -1.27 -4.59 -12.87
N VAL B 141 -0.14 -3.89 -12.89
CA VAL B 141 0.15 -3.00 -13.99
C VAL B 141 1.51 -3.36 -14.51
N THR B 142 1.63 -3.75 -15.76
CA THR B 142 2.98 -4.03 -16.25
C THR B 142 3.47 -2.92 -17.16
N HIS B 143 4.62 -2.34 -16.82
CA HIS B 143 5.11 -1.32 -17.74
C HIS B 143 6.25 -1.99 -18.46
N SER B 144 6.31 -1.90 -19.77
CA SER B 144 7.43 -2.54 -20.47
C SER B 144 8.04 -1.55 -21.47
N PHE B 145 9.33 -1.75 -21.80
CA PHE B 145 10.01 -0.88 -22.74
C PHE B 145 10.82 -1.82 -23.62
N ASP B 146 10.82 -1.56 -24.92
CA ASP B 146 11.57 -2.44 -25.82
C ASP B 146 12.58 -1.68 -26.69
N ASP B 147 13.31 -2.49 -27.45
CA ASP B 147 14.33 -1.96 -28.36
C ASP B 147 13.78 -1.13 -29.51
N ASP B 148 12.45 -1.22 -29.70
CA ASP B 148 11.80 -0.44 -30.72
C ASP B 148 11.25 0.85 -30.17
N ASN B 149 11.67 1.23 -28.98
CA ASN B 149 11.20 2.47 -28.39
C ASN B 149 9.72 2.51 -28.07
N LYS B 150 9.10 1.36 -27.77
CA LYS B 150 7.70 1.36 -27.39
C LYS B 150 7.59 1.17 -25.90
N TRP B 151 6.82 2.05 -25.28
CA TRP B 151 6.57 1.93 -23.87
C TRP B 151 5.12 1.43 -23.74
N LYS B 152 4.94 0.22 -23.25
CA LYS B 152 3.61 -0.31 -23.14
C LYS B 152 3.18 -0.49 -21.69
N ILE B 153 1.89 -0.18 -21.49
CA ILE B 153 1.18 -0.31 -20.21
C ILE B 153 0.07 -1.34 -20.35
N HIS B 154 0.17 -2.40 -19.57
CA HIS B 154 -0.83 -3.46 -19.58
C HIS B 154 -1.46 -3.61 -18.18
N TYR B 155 -2.78 -3.43 -18.10
CA TYR B 155 -3.51 -3.52 -16.85
C TYR B 155 -4.27 -4.83 -16.76
N GLU B 156 -4.24 -5.41 -15.57
CA GLU B 156 -5.04 -6.61 -15.32
C GLU B 156 -5.65 -6.54 -13.95
N ALA B 157 -6.85 -7.08 -13.84
CA ALA B 157 -7.49 -7.07 -12.53
C ALA B 157 -8.61 -8.13 -12.48
N ILE B 158 -8.81 -8.64 -11.25
CA ILE B 158 -9.84 -9.59 -10.82
C ILE B 158 -10.38 -9.22 -9.43
N SER B 159 -11.73 -9.13 -9.32
CA SER B 159 -12.47 -8.80 -8.14
C SER B 159 -13.25 -9.99 -7.62
N ASP B 160 -13.33 -10.03 -6.32
CA ASP B 160 -14.03 -11.07 -5.59
C ASP B 160 -15.47 -10.75 -5.63
N LYS B 161 -15.75 -9.48 -5.87
CA LYS B 161 -17.13 -8.96 -5.92
C LYS B 161 -17.40 -8.06 -7.11
N ASP B 162 -18.65 -7.97 -7.57
CA ASP B 162 -19.03 -7.07 -8.66
C ASP B 162 -18.64 -5.65 -8.24
N THR B 163 -17.91 -4.95 -9.10
CA THR B 163 -17.45 -3.61 -8.71
C THR B 163 -17.33 -2.76 -9.98
N VAL B 164 -16.55 -1.69 -9.94
CA VAL B 164 -16.34 -0.86 -11.13
C VAL B 164 -14.83 -0.73 -11.32
N PHE B 165 -14.33 -0.66 -12.56
CA PHE B 165 -12.89 -0.55 -12.73
C PHE B 165 -12.56 0.11 -14.08
N ASN B 166 -11.71 1.15 -14.06
CA ASN B 166 -11.41 1.89 -15.26
C ASN B 166 -10.24 2.84 -14.94
N PRO B 167 -9.09 2.23 -14.72
CA PRO B 167 -7.91 2.99 -14.38
C PRO B 167 -7.27 3.63 -15.63
N THR B 168 -6.27 4.48 -15.39
CA THR B 168 -5.58 5.05 -16.51
C THR B 168 -4.20 5.42 -16.03
N GLY B 169 -3.38 5.92 -16.97
CA GLY B 169 -2.00 6.34 -16.74
C GLY B 169 -1.92 7.82 -16.99
N ASN B 170 -1.37 8.47 -15.98
CA ASN B 170 -1.30 9.93 -15.93
C ASN B 170 0.00 10.64 -16.38
N VAL B 171 0.68 10.07 -17.34
CA VAL B 171 1.86 10.74 -17.81
C VAL B 171 1.54 12.10 -18.41
N TYR B 172 2.47 13.04 -18.26
CA TYR B 172 2.37 14.33 -18.89
C TYR B 172 3.58 14.49 -19.81
N PHE B 173 3.37 14.80 -21.08
CA PHE B 173 4.47 15.01 -21.99
C PHE B 173 4.76 16.47 -22.12
N ASN B 174 6.01 16.75 -22.38
CA ASN B 174 6.44 18.12 -22.68
C ASN B 174 7.74 17.97 -23.43
N LEU B 175 7.63 17.92 -24.77
CA LEU B 175 8.76 17.70 -25.64
C LEU B 175 9.78 18.83 -25.65
N ASN B 176 9.47 19.89 -24.93
CA ASN B 176 10.41 21.00 -24.79
C ASN B 176 11.48 20.57 -23.81
N GLY B 177 11.16 19.57 -23.01
CA GLY B 177 12.08 19.05 -21.99
C GLY B 177 12.24 20.02 -20.84
N ASP B 178 11.36 21.03 -20.79
CA ASP B 178 11.43 22.06 -19.75
C ASP B 178 10.00 22.46 -19.38
N ALA B 179 9.65 22.30 -18.11
CA ALA B 179 8.27 22.59 -17.68
C ALA B 179 7.89 24.03 -17.83
N SER B 180 8.93 24.87 -17.93
CA SER B 180 8.67 26.30 -18.00
C SER B 180 8.37 26.78 -19.41
N GLU B 181 8.28 25.82 -20.33
CA GLU B 181 7.96 26.03 -21.71
C GLU B 181 6.65 25.36 -22.05
N SER B 182 5.73 26.20 -22.57
CA SER B 182 4.40 25.80 -22.96
C SER B 182 4.43 24.81 -24.10
N VAL B 183 3.48 23.88 -24.12
CA VAL B 183 3.41 22.91 -25.20
C VAL B 183 2.59 23.49 -26.37
N GLU B 184 2.27 24.79 -26.34
CA GLU B 184 1.50 25.33 -27.46
C GLU B 184 2.31 25.22 -28.73
N ASN B 185 3.60 24.95 -28.64
CA ASN B 185 4.37 24.86 -29.85
C ASN B 185 4.42 23.45 -30.42
N HIS B 186 3.68 22.53 -29.82
CA HIS B 186 3.70 21.19 -30.33
C HIS B 186 2.57 21.01 -31.32
N GLY B 187 2.76 20.06 -32.20
CA GLY B 187 1.69 19.78 -33.13
C GLY B 187 0.91 18.55 -32.63
N LEU B 188 -0.40 18.57 -32.78
CA LEU B 188 -1.21 17.45 -32.35
C LEU B 188 -2.14 16.91 -33.45
N ARG B 189 -2.16 15.58 -33.58
CA ARG B 189 -3.08 14.90 -34.50
C ARG B 189 -3.86 13.91 -33.62
N LEU B 190 -5.20 13.95 -33.74
CA LEU B 190 -6.04 13.12 -32.90
C LEU B 190 -7.26 12.68 -33.67
N ALA B 191 -7.39 11.35 -33.75
CA ALA B 191 -8.53 10.74 -34.48
C ALA B 191 -9.86 10.68 -33.77
N ALA B 192 -10.37 11.86 -33.50
CA ALA B 192 -11.64 11.97 -32.79
C ALA B 192 -12.46 13.16 -33.31
N SER B 193 -13.74 12.86 -33.57
CA SER B 193 -14.72 13.84 -34.07
C SER B 193 -15.68 14.36 -33.04
N ARG B 194 -15.63 13.79 -31.86
CA ARG B 194 -16.56 14.23 -30.82
C ARG B 194 -15.91 14.39 -29.48
N PHE B 195 -16.51 15.20 -28.65
CA PHE B 195 -15.99 15.35 -27.30
C PHE B 195 -17.11 15.45 -26.26
N VAL B 196 -16.73 15.41 -25.00
CA VAL B 196 -17.74 15.47 -23.93
C VAL B 196 -17.55 16.77 -23.12
N PRO B 197 -18.51 17.67 -23.26
CA PRO B 197 -18.41 18.93 -22.58
C PRO B 197 -18.73 18.78 -21.12
N LEU B 198 -18.15 19.68 -20.32
CA LEU B 198 -18.32 19.67 -18.89
C LEU B 198 -19.40 20.65 -18.50
N LYS B 199 -20.10 20.31 -17.43
CA LYS B 199 -21.18 21.18 -17.01
C LYS B 199 -20.77 22.56 -16.55
N ASP B 200 -19.76 22.62 -15.70
CA ASP B 200 -19.26 23.87 -15.15
C ASP B 200 -17.92 23.64 -14.51
N GLN B 201 -17.49 24.61 -13.66
CA GLN B 201 -16.21 24.57 -13.00
C GLN B 201 -15.95 23.33 -12.16
N THR B 202 -17.03 22.64 -11.76
CA THR B 202 -16.88 21.41 -10.99
C THR B 202 -16.41 20.28 -11.83
N GLU B 203 -16.55 20.51 -13.11
CA GLU B 203 -16.01 19.55 -14.04
C GLU B 203 -16.73 18.24 -14.23
N ILE B 204 -17.97 18.14 -13.72
CA ILE B 204 -18.72 16.94 -14.00
C ILE B 204 -19.22 17.12 -15.45
N VAL B 205 -19.60 16.02 -16.10
CA VAL B 205 -20.05 16.10 -17.47
C VAL B 205 -21.36 16.83 -17.68
N ARG B 206 -21.46 17.49 -18.80
CA ARG B 206 -22.66 18.23 -19.05
C ARG B 206 -23.89 17.37 -19.28
N GLY B 207 -23.71 16.25 -19.99
CA GLY B 207 -24.79 15.31 -20.28
C GLY B 207 -24.95 15.00 -21.77
N ASP B 208 -24.30 15.82 -22.60
CA ASP B 208 -24.34 15.66 -24.05
C ASP B 208 -22.98 15.35 -24.68
N ILE B 209 -23.01 14.92 -25.91
CA ILE B 209 -21.81 14.61 -26.68
C ILE B 209 -21.81 15.56 -27.84
N VAL B 210 -20.74 16.27 -28.06
CA VAL B 210 -20.79 17.24 -29.11
C VAL B 210 -19.77 16.96 -30.19
N ASP B 211 -20.18 17.23 -31.44
CA ASP B 211 -19.35 17.13 -32.64
C ASP B 211 -18.39 18.34 -32.76
N ILE B 212 -17.08 18.11 -32.89
CA ILE B 212 -16.14 19.23 -32.91
C ILE B 212 -15.46 19.46 -34.23
N LYS B 213 -15.97 18.79 -35.26
CA LYS B 213 -15.35 18.95 -36.55
C LYS B 213 -15.31 20.40 -36.95
N ASN B 214 -14.16 20.85 -37.49
CA ASN B 214 -14.01 22.21 -37.96
C ASN B 214 -14.05 23.30 -36.89
N THR B 215 -13.81 22.97 -35.63
CA THR B 215 -13.77 23.96 -34.58
C THR B 215 -12.32 23.96 -34.20
N ASP B 216 -11.99 24.83 -33.24
CA ASP B 216 -10.61 24.87 -32.79
C ASP B 216 -10.19 23.60 -32.04
N LEU B 217 -11.11 22.66 -31.71
CA LEU B 217 -10.80 21.39 -31.01
C LEU B 217 -10.67 20.19 -31.98
N ASP B 218 -10.75 20.49 -33.28
CA ASP B 218 -10.61 19.49 -34.32
C ASP B 218 -9.15 19.28 -34.68
N PHE B 219 -8.54 18.16 -34.25
CA PHE B 219 -7.15 17.88 -34.54
C PHE B 219 -7.04 16.65 -35.42
N ARG B 220 -8.11 16.30 -36.13
CA ARG B 220 -8.01 15.14 -37.00
C ARG B 220 -6.84 15.25 -37.94
N GLN B 221 -6.64 16.47 -38.37
CA GLN B 221 -5.52 16.87 -39.21
C GLN B 221 -4.65 17.71 -38.27
N GLU B 222 -3.34 17.42 -38.29
CA GLU B 222 -2.42 18.06 -37.39
C GLU B 222 -2.47 19.54 -37.37
N LYS B 223 -2.51 20.09 -36.17
CA LYS B 223 -2.45 21.51 -35.97
C LYS B 223 -1.70 21.83 -34.70
N GLN B 224 -1.19 23.05 -34.54
CA GLN B 224 -0.44 23.42 -33.34
C GLN B 224 -1.40 23.54 -32.16
N LEU B 225 -0.90 23.25 -30.96
CA LEU B 225 -1.80 23.32 -29.81
C LEU B 225 -2.23 24.72 -29.51
N SER B 226 -1.45 25.70 -29.99
CA SER B 226 -1.80 27.09 -29.76
C SER B 226 -3.21 27.42 -30.26
N ASN B 227 -3.67 26.70 -31.27
CA ASN B 227 -5.00 26.96 -31.84
C ASN B 227 -6.10 26.71 -30.84
N ALA B 228 -5.90 25.68 -30.03
CA ALA B 228 -6.89 25.36 -28.99
C ALA B 228 -6.77 26.37 -27.82
N PHE B 229 -5.53 26.61 -27.39
CA PHE B 229 -5.24 27.50 -26.29
C PHE B 229 -5.69 28.90 -26.55
N ASN B 230 -5.69 29.27 -27.81
CA ASN B 230 -6.09 30.63 -28.07
C ASN B 230 -7.55 30.73 -28.34
N SER B 231 -8.22 29.59 -28.37
CA SER B 231 -9.64 29.60 -28.63
C SER B 231 -10.49 30.27 -27.57
N ASN B 232 -11.60 30.88 -27.99
CA ASN B 232 -12.54 31.50 -27.02
C ASN B 232 -13.82 30.69 -26.93
N MET B 233 -13.74 29.47 -27.45
CA MET B 233 -14.87 28.56 -27.37
C MET B 233 -15.20 28.43 -25.89
N GLU B 234 -16.50 28.37 -25.57
CA GLU B 234 -16.97 28.25 -24.20
C GLU B 234 -16.23 27.19 -23.41
N GLN B 235 -16.07 26.03 -24.02
CA GLN B 235 -15.42 24.97 -23.23
C GLN B 235 -13.98 25.20 -22.88
N VAL B 236 -13.30 25.89 -23.74
CA VAL B 236 -11.91 26.16 -23.51
C VAL B 236 -11.80 27.23 -22.45
N GLN B 237 -12.67 28.21 -22.55
CA GLN B 237 -12.59 29.24 -21.55
C GLN B 237 -12.98 28.66 -20.20
N LEU B 238 -13.87 27.69 -20.19
CA LEU B 238 -14.30 27.15 -18.92
C LEU B 238 -13.15 26.62 -18.09
N VAL B 239 -12.30 25.89 -18.77
CA VAL B 239 -11.18 25.26 -18.08
C VAL B 239 -9.83 25.88 -18.31
N LYS B 240 -9.78 26.96 -19.08
CA LYS B 240 -8.53 27.67 -19.41
C LYS B 240 -7.50 26.76 -20.13
N GLY B 241 -8.03 25.98 -21.08
CA GLY B 241 -7.24 25.04 -21.87
C GLY B 241 -8.10 23.85 -22.22
N ILE B 242 -7.53 22.64 -22.14
CA ILE B 242 -8.34 21.47 -22.44
C ILE B 242 -8.29 20.60 -21.19
N ASP B 243 -9.40 19.93 -20.91
CA ASP B 243 -9.49 19.02 -19.80
C ASP B 243 -10.71 18.18 -20.11
N HIS B 244 -10.65 17.49 -21.22
CA HIS B 244 -11.83 16.78 -21.66
C HIS B 244 -11.55 15.48 -22.32
N PRO B 245 -12.62 14.69 -22.29
CA PRO B 245 -12.55 13.39 -22.92
C PRO B 245 -12.89 13.56 -24.38
N PHE B 246 -12.07 12.94 -25.22
CA PHE B 246 -12.28 12.96 -26.69
C PHE B 246 -12.68 11.54 -27.06
N LEU B 247 -13.74 11.39 -27.88
CA LEU B 247 -14.17 10.02 -28.21
C LEU B 247 -13.53 9.55 -29.47
N LEU B 248 -12.74 8.50 -29.43
CA LEU B 248 -12.06 8.03 -30.64
C LEU B 248 -13.07 7.57 -31.70
N ASP B 249 -12.78 7.94 -32.94
CA ASP B 249 -13.69 7.58 -34.01
C ASP B 249 -13.61 6.12 -34.41
N GLN B 250 -12.43 5.56 -34.32
CA GLN B 250 -12.24 4.16 -34.70
C GLN B 250 -11.44 3.44 -33.62
N LEU B 251 -11.99 2.35 -33.10
CA LEU B 251 -11.33 1.60 -32.05
C LEU B 251 -10.42 0.50 -32.48
N GLY B 252 -9.46 0.19 -31.59
CA GLY B 252 -8.51 -0.87 -31.88
C GLY B 252 -7.09 -0.44 -31.61
N LEU B 253 -6.37 -1.40 -31.10
CA LEU B 253 -5.00 -1.20 -30.70
C LEU B 253 -4.03 -0.99 -31.85
N ASP B 254 -4.47 -1.39 -33.03
CA ASP B 254 -3.73 -1.31 -34.28
C ASP B 254 -3.64 0.09 -34.87
N LYS B 255 -4.54 1.00 -34.53
CA LYS B 255 -4.59 2.34 -35.08
C LYS B 255 -3.84 3.43 -34.29
N GLU B 256 -3.15 4.34 -34.98
CA GLU B 256 -2.46 5.44 -34.31
C GLU B 256 -3.55 6.41 -33.92
N GLN B 257 -3.93 6.47 -32.66
CA GLN B 257 -5.03 7.36 -32.36
C GLN B 257 -4.64 8.81 -32.14
N ALA B 258 -3.43 9.03 -31.66
CA ALA B 258 -2.92 10.37 -31.46
C ALA B 258 -1.43 10.45 -31.78
N ARG B 259 -1.02 11.64 -32.18
CA ARG B 259 0.41 11.80 -32.44
C ARG B 259 0.80 13.20 -31.94
N LEU B 260 1.82 13.29 -31.05
CA LEU B 260 2.28 14.60 -30.52
C LEU B 260 3.68 14.83 -31.07
N THR B 261 3.90 15.95 -31.80
CA THR B 261 5.19 16.25 -32.44
C THR B 261 5.78 17.59 -32.11
N LEU B 262 7.10 17.56 -31.99
CA LEU B 262 7.88 18.75 -31.78
C LEU B 262 9.19 18.58 -32.58
N ASP B 263 9.36 19.42 -33.62
CA ASP B 263 10.56 19.28 -34.42
C ASP B 263 10.74 17.85 -34.97
N ASP B 264 11.85 17.21 -34.61
CA ASP B 264 12.06 15.87 -35.15
C ASP B 264 11.56 14.73 -34.30
N THR B 265 10.91 15.05 -33.17
CA THR B 265 10.45 13.99 -32.27
C THR B 265 8.96 13.88 -32.23
N SER B 266 8.49 12.64 -32.23
CA SER B 266 7.05 12.40 -32.14
C SER B 266 6.76 11.32 -31.13
N ILE B 267 5.57 11.41 -30.52
CA ILE B 267 5.11 10.36 -29.63
C ILE B 267 3.79 9.89 -30.23
N SER B 268 3.65 8.59 -30.48
CA SER B 268 2.39 8.14 -31.02
C SER B 268 1.66 7.36 -29.95
N VAL B 269 0.34 7.46 -29.99
CA VAL B 269 -0.48 6.81 -28.98
C VAL B 269 -1.41 5.74 -29.55
N PHE B 270 -1.33 4.52 -28.99
CA PHE B 270 -2.19 3.41 -29.37
C PHE B 270 -2.90 2.90 -28.12
N THR B 271 -4.14 2.44 -28.27
CA THR B 271 -4.80 1.94 -27.09
C THR B 271 -5.99 1.07 -27.48
N ASP B 272 -6.45 0.26 -26.55
CA ASP B 272 -7.64 -0.54 -26.83
C ASP B 272 -8.90 0.09 -26.19
N GLN B 273 -8.69 1.24 -25.53
CA GLN B 273 -9.75 2.00 -24.86
C GLN B 273 -10.53 2.89 -25.82
N PRO B 274 -11.74 3.35 -25.48
CA PRO B 274 -12.54 4.14 -26.41
C PRO B 274 -12.39 5.67 -26.38
N SER B 275 -11.71 6.19 -25.36
CA SER B 275 -11.56 7.62 -25.32
C SER B 275 -10.21 8.00 -24.73
N ILE B 276 -9.86 9.30 -24.91
CA ILE B 276 -8.61 9.87 -24.40
C ILE B 276 -8.93 11.18 -23.73
N VAL B 277 -8.61 11.26 -22.48
CA VAL B 277 -8.88 12.48 -21.72
C VAL B 277 -7.66 13.34 -21.88
N ILE B 278 -7.82 14.52 -22.43
CA ILE B 278 -6.66 15.39 -22.61
C ILE B 278 -6.73 16.57 -21.64
N PHE B 279 -5.67 16.73 -20.81
CA PHE B 279 -5.61 17.80 -19.83
C PHE B 279 -4.31 18.49 -20.06
N THR B 280 -4.38 19.77 -20.30
CA THR B 280 -3.18 20.50 -20.62
C THR B 280 -2.60 21.32 -19.48
N ALA B 281 -2.56 20.77 -18.30
CA ALA B 281 -1.93 21.45 -17.19
C ALA B 281 -2.26 22.92 -17.06
N ASN B 282 -3.56 23.13 -16.95
CA ASN B 282 -4.14 24.47 -16.90
C ASN B 282 -3.94 25.05 -15.54
N PHE B 283 -2.71 25.00 -15.01
CA PHE B 283 -2.52 25.46 -13.64
C PHE B 283 -2.29 26.93 -13.39
N GLY B 284 -2.42 27.72 -14.42
CA GLY B 284 -2.16 29.11 -14.18
C GLY B 284 -0.76 29.33 -13.62
N ASP B 285 -0.74 30.22 -12.66
CA ASP B 285 0.49 30.63 -12.03
C ASP B 285 1.02 29.76 -10.86
N LEU B 286 0.36 28.61 -10.57
CA LEU B 286 0.78 27.69 -9.51
C LEU B 286 2.29 27.52 -9.48
N GLY B 287 2.84 27.26 -10.66
CA GLY B 287 4.28 27.12 -10.79
C GLY B 287 4.95 26.02 -10.00
N THR B 288 4.43 24.81 -10.02
CA THR B 288 5.10 23.70 -9.37
C THR B 288 6.48 23.54 -10.00
N LEU B 289 7.51 23.30 -9.17
CA LEU B 289 8.84 23.18 -9.72
C LEU B 289 9.20 21.78 -10.17
N TYR B 290 9.66 21.65 -11.39
CA TYR B 290 10.08 20.39 -11.95
C TYR B 290 11.53 20.56 -12.27
N HIS B 291 12.40 19.85 -11.58
CA HIS B 291 13.80 20.01 -11.88
C HIS B 291 14.24 21.46 -11.82
N GLU B 292 13.69 22.14 -10.81
CA GLU B 292 13.98 23.52 -10.51
C GLU B 292 13.45 24.53 -11.51
N LYS B 293 12.60 24.06 -12.44
CA LYS B 293 12.01 24.97 -13.41
C LYS B 293 10.58 25.17 -12.99
N LYS B 294 10.10 26.41 -12.95
CA LYS B 294 8.71 26.61 -12.54
C LYS B 294 7.81 26.20 -13.69
N GLN B 295 6.87 25.32 -13.43
CA GLN B 295 6.02 24.93 -14.53
C GLN B 295 5.06 26.04 -14.96
N VAL B 296 4.91 26.21 -16.29
CA VAL B 296 3.98 27.24 -16.80
C VAL B 296 2.59 26.70 -17.05
N HIS B 297 1.63 27.62 -17.12
CA HIS B 297 0.30 27.21 -17.48
C HIS B 297 0.46 26.53 -18.85
N HIS B 298 -0.17 25.36 -19.08
CA HIS B 298 0.03 24.70 -20.37
C HIS B 298 1.42 24.11 -20.52
N GLY B 299 2.06 23.95 -19.39
CA GLY B 299 3.38 23.36 -19.48
C GLY B 299 3.37 21.84 -19.53
N GLY B 300 2.36 21.20 -20.08
CA GLY B 300 2.35 19.73 -20.11
C GLY B 300 1.06 19.23 -20.75
N ILE B 301 0.98 17.98 -21.22
CA ILE B 301 -0.24 17.47 -21.82
C ILE B 301 -0.34 15.95 -21.55
N THR B 302 -1.53 15.50 -21.12
CA THR B 302 -1.74 14.09 -20.83
C THR B 302 -2.52 13.46 -21.97
N PHE B 303 -2.51 12.13 -22.07
CA PHE B 303 -3.31 11.34 -23.00
C PHE B 303 -3.79 10.16 -22.13
N GLU B 304 -4.83 10.38 -21.33
CA GLU B 304 -5.32 9.37 -20.43
C GLU B 304 -6.29 8.51 -21.19
N CYS B 305 -5.85 7.33 -21.52
CA CYS B 305 -6.75 6.49 -22.30
C CYS B 305 -7.57 5.67 -21.34
N GLN B 306 -8.88 5.68 -21.50
CA GLN B 306 -9.79 4.92 -20.60
C GLN B 306 -11.19 5.00 -21.18
N VAL B 307 -12.16 4.43 -20.45
CA VAL B 307 -13.56 4.59 -20.84
C VAL B 307 -13.85 6.03 -20.39
N SER B 308 -14.52 6.85 -21.20
CA SER B 308 -14.71 8.22 -20.80
C SER B 308 -15.41 8.37 -19.45
N PRO B 309 -15.01 9.39 -18.68
CA PRO B 309 -15.71 9.71 -17.44
C PRO B 309 -17.17 10.16 -17.80
N GLY B 310 -18.15 10.08 -16.86
CA GLY B 310 -19.54 10.47 -17.02
C GLY B 310 -20.39 9.34 -17.53
N SER B 311 -19.92 8.09 -17.66
CA SER B 311 -20.84 7.07 -18.19
C SER B 311 -21.98 6.88 -17.23
N GLU B 312 -21.82 7.43 -16.02
CA GLU B 312 -22.87 7.31 -15.01
C GLU B 312 -24.10 8.07 -15.52
N GLN B 313 -23.83 9.19 -16.19
CA GLN B 313 -24.85 10.06 -16.74
C GLN B 313 -25.05 9.83 -18.23
N ILE B 314 -24.04 9.41 -18.97
CA ILE B 314 -24.15 9.19 -20.40
C ILE B 314 -23.75 7.77 -20.72
N PRO B 315 -24.74 6.93 -20.50
CA PRO B 315 -24.64 5.50 -20.69
C PRO B 315 -24.00 5.06 -22.00
N GLU B 316 -24.16 5.89 -23.02
CA GLU B 316 -23.64 5.67 -24.35
C GLU B 316 -22.11 5.62 -24.30
N LEU B 317 -21.48 6.29 -23.31
CA LEU B 317 -20.02 6.31 -23.15
C LEU B 317 -19.41 4.95 -22.86
N GLY B 318 -20.22 4.07 -22.26
CA GLY B 318 -19.79 2.73 -21.93
C GLY B 318 -20.27 2.25 -20.56
N ASP B 319 -19.71 1.13 -20.15
CA ASP B 319 -20.03 0.47 -18.88
C ASP B 319 -18.73 0.05 -18.22
N ILE B 320 -18.43 0.56 -17.03
CA ILE B 320 -17.18 0.22 -16.41
C ILE B 320 -17.36 -0.79 -15.33
N SER B 321 -18.49 -1.41 -15.40
CA SER B 321 -18.65 -2.39 -14.36
C SER B 321 -17.74 -3.59 -14.58
N LEU B 322 -17.37 -4.24 -13.46
CA LEU B 322 -16.54 -5.41 -13.53
C LEU B 322 -17.19 -6.50 -12.72
N LYS B 323 -17.50 -7.61 -13.37
CA LYS B 323 -18.12 -8.68 -12.62
C LYS B 323 -17.14 -9.52 -11.87
N ALA B 324 -17.68 -10.01 -10.74
CA ALA B 324 -16.91 -10.86 -9.89
C ALA B 324 -16.31 -12.00 -10.70
N GLY B 325 -15.02 -12.21 -10.54
CA GLY B 325 -14.38 -13.31 -11.25
C GLY B 325 -13.97 -13.03 -12.69
N GLU B 326 -14.48 -11.92 -13.24
CA GLU B 326 -14.13 -11.58 -14.64
C GLU B 326 -12.78 -10.85 -14.72
N LYS B 327 -11.95 -11.24 -15.71
CA LYS B 327 -10.66 -10.62 -15.88
C LYS B 327 -10.63 -9.33 -16.66
N TYR B 328 -10.25 -8.24 -15.99
CA TYR B 328 -10.19 -6.98 -16.72
C TYR B 328 -8.83 -6.89 -17.37
N GLN B 329 -8.77 -6.30 -18.56
CA GLN B 329 -7.49 -6.07 -19.24
C GLN B 329 -7.61 -4.80 -20.05
N ALA B 330 -6.52 -4.07 -20.17
CA ALA B 330 -6.47 -2.83 -20.97
C ALA B 330 -5.03 -2.67 -21.37
N THR B 331 -4.82 -2.07 -22.54
CA THR B 331 -3.44 -1.89 -23.03
C THR B 331 -3.35 -0.56 -23.72
N THR B 332 -2.33 0.15 -23.34
CA THR B 332 -2.05 1.45 -23.90
C THR B 332 -0.56 1.51 -24.29
N ILE B 333 -0.25 2.07 -25.47
CA ILE B 333 1.14 2.14 -25.85
C ILE B 333 1.54 3.52 -26.32
N TYR B 334 2.72 3.93 -25.89
CA TYR B 334 3.28 5.22 -26.29
C TYR B 334 4.55 4.93 -27.03
N SER B 335 4.62 5.30 -28.32
CA SER B 335 5.85 5.02 -29.05
C SER B 335 6.55 6.28 -29.52
N LEU B 336 7.84 6.22 -29.38
CA LEU B 336 8.69 7.31 -29.75
C LEU B 336 9.32 7.10 -31.10
N HIS B 337 9.30 8.17 -31.91
CA HIS B 337 9.89 8.20 -33.25
C HIS B 337 10.65 9.48 -33.51
N THR B 338 11.55 9.41 -34.47
CA THR B 338 12.33 10.56 -34.85
C THR B 338 12.13 10.79 -36.34
N LYS B 339 11.97 12.07 -36.77
CA LYS B 339 11.78 12.43 -38.17
C LYS B 339 10.66 11.67 -38.83
N LEU B 340 9.58 11.55 -38.10
CA LEU B 340 8.39 10.91 -38.61
C LEU B 340 7.70 11.77 -39.66
N GLU B 341 7.89 13.07 -39.51
CA GLU B 341 7.27 14.04 -40.39
C GLU B 341 8.05 15.36 -40.28
N HIS B 342 7.64 16.35 -41.07
CA HIS B 342 8.35 17.63 -41.07
C HIS B 342 7.61 18.59 -40.18
N HIS B 343 8.21 19.00 -39.12
CA HIS B 343 7.52 19.89 -38.24
C HIS B 343 8.48 21.00 -37.91
N HIS B 344 8.37 22.10 -38.61
CA HIS B 344 9.28 23.20 -38.42
C HIS B 344 8.52 24.48 -38.29
N HIS B 345 8.17 24.81 -37.06
CA HIS B 345 7.36 26.01 -36.79
C HIS B 345 8.04 26.94 -35.84
N HIS B 346 7.43 28.10 -35.69
CA HIS B 346 7.94 29.08 -34.75
C HIS B 346 6.78 29.71 -33.97
N HIS B 347 7.01 29.95 -32.68
CA HIS B 347 6.02 30.51 -31.76
C HIS B 347 6.53 31.74 -31.04
C1 GAL C . -2.02 -15.36 17.49
C2 GAL C . -3.29 -16.23 17.49
C3 GAL C . -2.89 -17.63 17.11
C4 GAL C . -2.35 -17.59 15.68
C5 GAL C . -1.19 -16.60 15.59
C6 GAL C . -0.74 -16.35 14.17
O1 GAL C . -2.38 -14.02 17.81
O2 GAL C . -4.00 -16.26 18.75
O3 GAL C . -3.99 -18.53 17.14
O4 GAL C . -3.36 -17.20 14.75
O5 GAL C . -1.56 -15.31 16.12
O6 GAL C . 0.14 -15.24 14.31
NA NA D . 12.92 -1.46 -2.34
C1 GAL E . -7.25 14.92 -15.18
C2 GAL E . -8.36 15.80 -14.67
C3 GAL E . -7.72 17.14 -14.39
C4 GAL E . -6.81 16.98 -13.19
C5 GAL E . -5.74 15.96 -13.59
C6 GAL E . -4.75 15.56 -12.47
O1 GAL E . -7.90 13.67 -15.46
O2 GAL E . -9.41 15.91 -15.66
O3 GAL E . -8.73 18.08 -14.03
O4 GAL E . -7.53 16.56 -12.03
O5 GAL E . -6.38 14.74 -14.05
O6 GAL E . -4.33 16.70 -11.70
#